data_2MKL
#
_entry.id   2MKL
#
_entity_poly.entity_id   1
_entity_poly.type   'polypeptide(L)'
_entity_poly.pdbx_seq_one_letter_code
;MGRQTDISVSLLKPPFEEIWTQQTATIVCEIVYSDLENIKVFWQVNGVERKKGVETQNPEWSGSKSTIVSKLKVMASEWD
SGTEYVCLVEDSELPTPVKASIRKA
;
_entity_poly.pdbx_strand_id   C
#
# COMPACT_ATOMS: atom_id res chain seq x y z
N MET A 1 3.78 24.73 -13.99
CA MET A 1 4.50 25.30 -12.82
C MET A 1 4.32 24.42 -11.59
N GLY A 2 5.41 23.88 -11.10
CA GLY A 2 5.40 23.15 -9.84
C GLY A 2 4.88 21.73 -9.97
N ARG A 3 4.72 21.09 -8.81
CA ARG A 3 4.24 19.71 -8.73
C ARG A 3 5.23 18.74 -9.38
N GLN A 4 6.47 18.76 -8.89
CA GLN A 4 7.45 17.77 -9.32
C GLN A 4 7.20 16.48 -8.56
N THR A 5 6.60 16.61 -7.40
CA THR A 5 6.30 15.49 -6.55
C THR A 5 4.83 15.14 -6.63
N ASP A 6 4.52 14.28 -7.57
CA ASP A 6 3.27 13.60 -7.50
C ASP A 6 3.51 12.30 -6.79
N ILE A 7 2.94 12.20 -5.63
CA ILE A 7 2.93 10.97 -4.87
C ILE A 7 1.49 10.57 -4.59
N SER A 8 1.05 9.51 -5.23
CA SER A 8 -0.33 9.12 -5.18
C SER A 8 -0.46 7.77 -4.49
N VAL A 9 -1.06 7.77 -3.30
CA VAL A 9 -1.23 6.55 -2.54
C VAL A 9 -2.69 6.12 -2.57
N SER A 10 -2.95 4.97 -3.18
CA SER A 10 -4.30 4.44 -3.25
C SER A 10 -4.32 3.02 -2.71
N LEU A 11 -5.15 2.77 -1.72
CA LEU A 11 -5.24 1.46 -1.11
C LEU A 11 -6.44 0.73 -1.68
N LEU A 12 -6.27 -0.55 -2.02
CA LEU A 12 -7.38 -1.34 -2.50
C LEU A 12 -7.76 -2.35 -1.43
N LYS A 13 -9.03 -2.34 -1.03
CA LYS A 13 -9.52 -3.21 0.01
C LYS A 13 -10.14 -4.47 -0.61
N PRO A 14 -10.15 -5.57 0.16
CA PRO A 14 -10.63 -6.87 -0.31
C PRO A 14 -12.15 -6.93 -0.47
N PRO A 15 -12.61 -7.60 -1.54
CA PRO A 15 -14.04 -7.81 -1.77
C PRO A 15 -14.66 -8.68 -0.68
N PHE A 16 -15.95 -8.50 -0.44
CA PHE A 16 -16.62 -9.21 0.63
C PHE A 16 -17.64 -10.21 0.10
N GLU A 17 -18.30 -10.91 1.01
CA GLU A 17 -19.29 -11.90 0.66
C GLU A 17 -20.51 -11.24 0.01
N GLU A 18 -21.35 -10.63 0.83
CA GLU A 18 -22.53 -9.94 0.36
C GLU A 18 -22.79 -8.71 1.22
N ILE A 19 -23.47 -8.94 2.33
CA ILE A 19 -23.79 -7.85 3.26
C ILE A 19 -22.77 -7.81 4.39
N TRP A 20 -22.41 -9.00 4.89
CA TRP A 20 -21.46 -9.10 5.98
C TRP A 20 -20.04 -9.15 5.43
N THR A 21 -19.09 -8.77 6.26
CA THR A 21 -17.69 -8.73 5.85
C THR A 21 -16.91 -9.90 6.43
N GLN A 22 -16.47 -10.81 5.57
CA GLN A 22 -15.69 -11.98 6.01
C GLN A 22 -15.04 -12.67 4.81
N GLN A 23 -13.95 -12.10 4.34
CA GLN A 23 -13.18 -12.70 3.26
C GLN A 23 -11.85 -11.97 3.11
N THR A 24 -10.78 -12.71 2.89
CA THR A 24 -9.50 -12.10 2.63
C THR A 24 -9.08 -12.32 1.18
N ALA A 25 -8.66 -11.26 0.49
CA ALA A 25 -8.07 -11.43 -0.83
C ALA A 25 -6.73 -10.71 -0.93
N THR A 26 -6.73 -9.43 -0.61
CA THR A 26 -5.52 -8.61 -0.62
C THR A 26 -5.75 -7.29 0.10
N ILE A 27 -4.74 -6.79 0.78
CA ILE A 27 -4.71 -5.39 1.20
C ILE A 27 -3.61 -4.68 0.44
N VAL A 28 -3.97 -3.78 -0.45
CA VAL A 28 -2.94 -3.27 -1.36
C VAL A 28 -2.72 -1.77 -1.24
N CYS A 29 -1.47 -1.40 -1.37
CA CYS A 29 -1.06 -0.02 -1.47
C CYS A 29 -0.45 0.22 -2.85
N GLU A 30 -1.12 1.01 -3.66
CA GLU A 30 -0.60 1.42 -4.95
C GLU A 30 -0.08 2.84 -4.86
N ILE A 31 1.18 3.03 -5.19
CA ILE A 31 1.80 4.34 -5.12
C ILE A 31 2.38 4.75 -6.46
N VAL A 32 2.03 5.97 -6.84
CA VAL A 32 2.51 6.56 -8.07
C VAL A 32 3.47 7.69 -7.76
N TYR A 33 4.64 7.67 -8.39
CA TYR A 33 5.65 8.70 -8.18
C TYR A 33 6.67 8.67 -9.30
N SER A 34 7.39 9.76 -9.44
CA SER A 34 8.40 9.90 -10.48
C SER A 34 9.60 10.70 -9.97
N ASP A 35 10.78 10.41 -10.52
CA ASP A 35 12.00 11.15 -10.18
C ASP A 35 12.55 10.77 -8.81
N LEU A 36 12.03 9.70 -8.23
CA LEU A 36 12.42 9.30 -6.89
C LEU A 36 13.58 8.32 -6.91
N GLU A 37 14.14 8.10 -5.73
CA GLU A 37 15.15 7.08 -5.52
C GLU A 37 14.47 5.85 -4.99
N ASN A 38 15.20 4.74 -4.88
CA ASN A 38 14.57 3.49 -4.57
C ASN A 38 13.83 3.62 -3.26
N ILE A 39 12.55 3.48 -3.43
CA ILE A 39 11.56 3.63 -2.37
C ILE A 39 11.55 2.45 -1.40
N LYS A 40 11.30 2.78 -0.14
CA LYS A 40 11.12 1.78 0.90
C LYS A 40 9.64 1.73 1.27
N VAL A 41 9.03 0.54 1.18
CA VAL A 41 7.61 0.40 1.47
C VAL A 41 7.40 -0.13 2.88
N PHE A 42 6.40 0.41 3.58
CA PHE A 42 6.11 0.02 4.95
C PHE A 42 4.61 -0.18 5.17
N TRP A 43 4.28 -1.20 5.95
CA TRP A 43 2.89 -1.46 6.36
C TRP A 43 2.86 -1.64 7.86
N GLN A 44 1.88 -1.05 8.53
CA GLN A 44 1.74 -1.23 9.97
C GLN A 44 0.38 -1.82 10.29
N VAL A 45 0.35 -2.88 11.08
CA VAL A 45 -0.90 -3.50 11.49
C VAL A 45 -1.01 -3.50 13.01
N ASN A 46 -1.89 -2.65 13.54
CA ASN A 46 -2.07 -2.52 14.99
C ASN A 46 -0.76 -2.13 15.66
N GLY A 47 0.00 -1.28 15.00
CA GLY A 47 1.28 -0.85 15.55
C GLY A 47 2.37 -1.89 15.39
N VAL A 48 2.00 -3.08 14.92
CA VAL A 48 2.97 -4.16 14.74
C VAL A 48 3.35 -4.32 13.27
N GLU A 49 4.65 -4.39 13.01
CA GLU A 49 5.16 -4.69 11.69
C GLU A 49 4.71 -6.09 11.25
N ARG A 50 4.26 -6.20 10.01
CA ARG A 50 3.62 -7.42 9.56
C ARG A 50 4.60 -8.41 8.95
N LYS A 51 4.30 -9.70 9.16
CA LYS A 51 5.05 -10.80 8.59
C LYS A 51 4.91 -10.81 7.07
N LYS A 52 5.81 -11.50 6.38
CA LYS A 52 5.77 -11.58 4.93
C LYS A 52 4.40 -12.06 4.45
N GLY A 53 4.14 -11.86 3.19
CA GLY A 53 2.78 -11.85 2.67
C GLY A 53 2.53 -10.46 2.16
N VAL A 54 3.44 -9.59 2.56
CA VAL A 54 3.61 -8.30 1.93
C VAL A 54 4.47 -8.50 0.69
N GLU A 55 4.02 -7.99 -0.44
CA GLU A 55 4.76 -8.18 -1.67
C GLU A 55 4.70 -6.93 -2.51
N THR A 56 5.85 -6.31 -2.70
CA THR A 56 5.97 -5.16 -3.57
C THR A 56 6.27 -5.64 -4.98
N GLN A 57 5.47 -5.21 -5.94
CA GLN A 57 5.62 -5.67 -7.31
C GLN A 57 6.55 -4.75 -8.07
N ASN A 58 7.26 -5.33 -9.03
CA ASN A 58 8.27 -4.60 -9.78
C ASN A 58 7.67 -3.37 -10.43
N PRO A 59 8.42 -2.25 -10.39
CA PRO A 59 7.97 -0.94 -10.84
C PRO A 59 7.30 -0.96 -12.21
N GLU A 60 6.19 -0.26 -12.33
CA GLU A 60 5.46 -0.14 -13.56
C GLU A 60 5.79 1.22 -14.17
N TRP A 61 5.93 1.30 -15.48
CA TRP A 61 6.38 2.53 -16.10
C TRP A 61 5.38 3.03 -17.13
N SER A 62 4.77 4.16 -16.83
CA SER A 62 3.82 4.78 -17.74
C SER A 62 4.22 6.23 -18.00
N GLY A 63 4.73 6.49 -19.19
CA GLY A 63 5.21 7.82 -19.52
C GLY A 63 6.50 8.13 -18.80
N SER A 64 6.45 9.10 -17.91
CA SER A 64 7.57 9.41 -17.05
C SER A 64 7.23 9.04 -15.61
N LYS A 65 6.03 8.52 -15.42
CA LYS A 65 5.53 8.19 -14.10
C LYS A 65 5.74 6.73 -13.77
N SER A 66 6.15 6.49 -12.55
CA SER A 66 6.38 5.14 -12.07
C SER A 66 5.24 4.72 -11.14
N THR A 67 4.96 3.43 -11.10
CA THR A 67 3.93 2.93 -10.21
C THR A 67 4.42 1.69 -9.49
N ILE A 68 4.41 1.76 -8.17
CA ILE A 68 4.77 0.65 -7.32
C ILE A 68 3.51 0.19 -6.58
N VAL A 69 3.28 -1.11 -6.56
CA VAL A 69 2.12 -1.65 -5.89
C VAL A 69 2.51 -2.74 -4.92
N SER A 70 1.92 -2.72 -3.73
CA SER A 70 2.25 -3.70 -2.73
C SER A 70 0.97 -4.34 -2.18
N LYS A 71 0.92 -5.65 -2.24
CA LYS A 71 -0.25 -6.38 -1.76
C LYS A 71 0.09 -7.11 -0.47
N LEU A 72 -0.85 -7.08 0.47
CA LEU A 72 -0.69 -7.75 1.75
C LEU A 72 -1.63 -8.95 1.82
N LYS A 73 -1.06 -10.09 2.15
CA LYS A 73 -1.86 -11.28 2.41
C LYS A 73 -2.15 -11.34 3.90
N VAL A 74 -3.43 -11.26 4.25
CA VAL A 74 -3.83 -11.08 5.64
C VAL A 74 -4.97 -12.01 6.01
N MET A 75 -5.19 -12.19 7.30
CA MET A 75 -6.31 -13.00 7.76
C MET A 75 -7.60 -12.19 7.73
N ALA A 76 -8.63 -12.75 7.10
CA ALA A 76 -9.94 -12.15 7.01
C ALA A 76 -10.46 -11.67 8.37
N SER A 77 -10.40 -12.52 9.41
CA SER A 77 -10.90 -12.15 10.73
C SER A 77 -10.16 -10.95 11.31
N GLU A 78 -8.89 -10.79 10.95
CA GLU A 78 -8.11 -9.64 11.37
C GLU A 78 -8.70 -8.40 10.70
N TRP A 79 -8.84 -8.51 9.39
CA TRP A 79 -9.44 -7.43 8.62
C TRP A 79 -10.84 -7.08 9.14
N ASP A 80 -11.65 -8.11 9.36
CA ASP A 80 -13.03 -7.92 9.81
C ASP A 80 -13.06 -7.42 11.25
N SER A 81 -11.95 -7.52 11.95
CA SER A 81 -11.88 -7.06 13.33
C SER A 81 -11.72 -5.54 13.35
N GLY A 82 -11.56 -4.96 12.16
CA GLY A 82 -11.36 -3.53 12.05
C GLY A 82 -9.92 -3.17 12.30
N THR A 83 -9.07 -4.17 12.17
CA THR A 83 -7.64 -4.01 12.38
C THR A 83 -7.02 -3.08 11.33
N GLU A 84 -6.13 -2.22 11.81
CA GLU A 84 -5.57 -1.17 10.98
C GLU A 84 -4.55 -1.73 10.01
N TYR A 85 -4.67 -1.29 8.77
CA TYR A 85 -3.67 -1.57 7.77
C TYR A 85 -3.30 -0.27 7.10
N VAL A 86 -2.07 0.15 7.26
CA VAL A 86 -1.65 1.43 6.74
C VAL A 86 -0.33 1.30 5.99
N CYS A 87 -0.27 2.02 4.88
CA CYS A 87 0.88 1.99 4.02
C CYS A 87 1.66 3.28 4.17
N LEU A 88 2.95 3.15 4.45
CA LEU A 88 3.84 4.28 4.48
C LEU A 88 4.89 4.11 3.41
N VAL A 89 5.30 5.21 2.82
CA VAL A 89 6.37 5.22 1.84
C VAL A 89 7.51 6.05 2.36
N GLU A 90 8.72 5.52 2.22
CA GLU A 90 9.91 6.21 2.67
C GLU A 90 10.89 6.33 1.51
N ASP A 91 11.40 7.54 1.30
CA ASP A 91 12.35 7.79 0.23
C ASP A 91 13.26 8.94 0.62
N SER A 92 14.52 8.83 0.19
CA SER A 92 15.56 9.76 0.56
C SER A 92 15.31 11.15 -0.02
N GLU A 93 14.47 11.24 -1.05
CA GLU A 93 14.16 12.52 -1.68
C GLU A 93 12.93 13.15 -1.04
N LEU A 94 12.28 12.42 -0.16
CA LEU A 94 11.07 12.91 0.48
C LEU A 94 11.40 13.66 1.76
N PRO A 95 10.62 14.70 2.07
CA PRO A 95 10.83 15.53 3.26
C PRO A 95 10.29 14.86 4.52
N THR A 96 9.19 14.14 4.35
CA THR A 96 8.55 13.39 5.42
C THR A 96 7.94 12.12 4.84
N PRO A 97 7.79 11.06 5.66
CA PRO A 97 7.17 9.83 5.20
C PRO A 97 5.68 10.03 4.93
N VAL A 98 5.15 9.28 3.98
CA VAL A 98 3.76 9.45 3.59
C VAL A 98 2.98 8.22 4.03
N LYS A 99 1.77 8.42 4.52
CA LYS A 99 1.02 7.33 5.13
C LYS A 99 -0.45 7.36 4.72
N ALA A 100 -1.05 6.18 4.71
CA ALA A 100 -2.48 6.02 4.44
C ALA A 100 -2.96 4.71 4.97
N SER A 101 -4.00 4.79 5.75
CA SER A 101 -4.55 3.63 6.41
C SER A 101 -5.88 3.23 5.75
N ILE A 102 -6.31 1.99 5.96
CA ILE A 102 -7.52 1.50 5.35
C ILE A 102 -8.50 1.03 6.43
N ARG A 103 -9.76 1.33 6.23
CA ARG A 103 -10.80 1.00 7.20
C ARG A 103 -11.76 -0.01 6.60
N LYS A 104 -12.27 -0.90 7.43
CA LYS A 104 -13.24 -1.89 6.96
C LYS A 104 -14.59 -1.22 6.73
N ALA A 105 -14.97 -1.11 5.47
CA ALA A 105 -16.23 -0.51 5.10
C ALA A 105 -16.91 -1.33 4.01
N MET A 1 -1.31 17.93 -5.81
CA MET A 1 -0.04 17.63 -6.50
C MET A 1 1.14 18.23 -5.74
N GLY A 2 2.23 17.49 -5.65
CA GLY A 2 3.37 17.96 -4.88
C GLY A 2 4.44 18.59 -5.74
N ARG A 3 5.39 19.26 -5.10
CA ARG A 3 6.51 19.87 -5.80
C ARG A 3 7.78 19.09 -5.52
N GLN A 4 8.45 18.65 -6.60
CA GLN A 4 9.61 17.76 -6.52
C GLN A 4 9.17 16.38 -6.07
N THR A 5 8.73 16.29 -4.83
CA THR A 5 8.17 15.08 -4.31
C THR A 5 6.68 15.06 -4.53
N ASP A 6 6.31 14.52 -5.65
CA ASP A 6 4.93 14.21 -5.88
C ASP A 6 4.76 12.74 -5.63
N ILE A 7 3.99 12.47 -4.63
CA ILE A 7 3.72 11.13 -4.21
C ILE A 7 2.22 10.87 -4.13
N SER A 8 1.76 9.88 -4.87
CA SER A 8 0.35 9.55 -4.92
C SER A 8 0.15 8.16 -4.33
N VAL A 9 -0.41 8.11 -3.12
CA VAL A 9 -0.63 6.83 -2.46
C VAL A 9 -2.08 6.43 -2.57
N SER A 10 -2.36 5.35 -3.29
CA SER A 10 -3.70 4.85 -3.41
C SER A 10 -3.79 3.51 -2.70
N LEU A 11 -4.49 3.51 -1.59
CA LEU A 11 -4.61 2.36 -0.75
C LEU A 11 -5.94 1.67 -1.05
N LEU A 12 -5.87 0.44 -1.52
CA LEU A 12 -7.01 -0.21 -2.10
C LEU A 12 -7.49 -1.36 -1.21
N LYS A 13 -8.71 -1.23 -0.73
CA LYS A 13 -9.34 -2.25 0.09
C LYS A 13 -9.87 -3.36 -0.82
N PRO A 14 -9.86 -4.60 -0.33
CA PRO A 14 -10.32 -5.76 -1.10
C PRO A 14 -11.80 -5.63 -1.47
N PRO A 15 -12.11 -5.69 -2.77
CA PRO A 15 -13.48 -5.49 -3.27
C PRO A 15 -14.43 -6.64 -2.93
N PHE A 16 -14.74 -6.76 -1.63
CA PHE A 16 -15.71 -7.74 -1.13
C PHE A 16 -15.14 -9.16 -1.16
N GLU A 17 -15.65 -10.00 -0.26
CA GLU A 17 -15.15 -11.36 -0.12
C GLU A 17 -16.03 -12.35 -0.86
N GLU A 18 -17.23 -11.90 -1.25
CA GLU A 18 -18.20 -12.75 -1.95
C GLU A 18 -18.64 -13.92 -1.06
N ILE A 19 -19.29 -14.90 -1.67
CA ILE A 19 -19.65 -16.12 -0.96
C ILE A 19 -18.43 -17.00 -0.86
N TRP A 20 -17.72 -17.10 -1.98
CA TRP A 20 -16.49 -17.87 -2.03
C TRP A 20 -15.30 -16.94 -2.17
N THR A 21 -14.45 -16.90 -1.15
CA THR A 21 -13.25 -16.10 -1.18
C THR A 21 -12.20 -16.79 -2.06
N GLN A 22 -11.57 -16.00 -2.94
CA GLN A 22 -10.60 -16.55 -3.88
C GLN A 22 -9.36 -17.05 -3.15
N GLN A 23 -9.09 -16.45 -2.00
CA GLN A 23 -8.01 -16.89 -1.13
C GLN A 23 -8.15 -16.23 0.24
N THR A 24 -8.03 -14.92 0.28
CA THR A 24 -8.13 -14.20 1.54
C THR A 24 -8.35 -12.71 1.30
N ALA A 25 -8.42 -11.97 2.40
CA ALA A 25 -8.81 -10.55 2.42
C ALA A 25 -7.69 -9.62 1.98
N THR A 26 -6.78 -10.10 1.13
CA THR A 26 -5.52 -9.42 0.87
C THR A 26 -5.71 -8.00 0.36
N ILE A 27 -5.00 -7.07 1.00
CA ILE A 27 -5.12 -5.64 0.74
C ILE A 27 -4.03 -5.19 -0.23
N VAL A 28 -4.27 -4.13 -0.96
CA VAL A 28 -3.28 -3.66 -1.92
C VAL A 28 -2.99 -2.17 -1.77
N CYS A 29 -1.71 -1.83 -1.78
CA CYS A 29 -1.27 -0.43 -1.77
C CYS A 29 -0.53 -0.14 -3.07
N GLU A 30 -1.13 0.69 -3.91
CA GLU A 30 -0.49 1.11 -5.14
C GLU A 30 0.01 2.52 -4.98
N ILE A 31 1.30 2.71 -5.20
CA ILE A 31 1.89 4.01 -4.99
C ILE A 31 2.55 4.51 -6.26
N VAL A 32 2.32 5.79 -6.54
CA VAL A 32 2.81 6.40 -7.75
C VAL A 32 3.82 7.49 -7.41
N TYR A 33 4.95 7.47 -8.10
CA TYR A 33 6.02 8.43 -7.88
C TYR A 33 6.97 8.42 -9.07
N SER A 34 7.84 9.41 -9.12
CA SER A 34 8.81 9.52 -10.20
C SER A 34 10.14 10.00 -9.65
N ASP A 35 11.25 9.59 -10.30
CA ASP A 35 12.57 10.14 -10.00
C ASP A 35 13.14 9.57 -8.72
N LEU A 36 12.53 8.52 -8.20
CA LEU A 36 12.92 7.94 -6.92
C LEU A 36 13.85 6.74 -7.10
N GLU A 37 14.49 6.39 -5.99
CA GLU A 37 15.33 5.21 -5.91
C GLU A 37 14.47 4.07 -5.43
N ASN A 38 15.01 2.86 -5.40
CA ASN A 38 14.23 1.72 -5.01
C ASN A 38 13.64 1.97 -3.65
N ILE A 39 12.34 2.08 -3.68
CA ILE A 39 11.53 2.43 -2.52
C ILE A 39 11.42 1.30 -1.50
N LYS A 40 11.37 1.68 -0.23
CA LYS A 40 11.12 0.76 0.85
C LYS A 40 9.69 0.95 1.36
N VAL A 41 8.91 -0.12 1.33
CA VAL A 41 7.50 -0.05 1.72
C VAL A 41 7.31 -0.63 3.13
N PHE A 42 6.39 -0.04 3.88
CA PHE A 42 6.12 -0.48 5.24
C PHE A 42 4.61 -0.56 5.50
N TRP A 43 4.19 -1.54 6.26
CA TRP A 43 2.80 -1.67 6.68
C TRP A 43 2.76 -1.81 8.20
N GLN A 44 1.80 -1.16 8.86
CA GLN A 44 1.64 -1.34 10.30
C GLN A 44 0.18 -1.58 10.66
N VAL A 45 -0.03 -2.61 11.45
CA VAL A 45 -1.37 -2.96 11.89
C VAL A 45 -1.48 -2.92 13.40
N ASN A 46 -2.42 -2.08 13.86
CA ASN A 46 -2.62 -1.81 15.28
C ASN A 46 -1.30 -1.35 15.91
N GLY A 47 -0.53 -0.62 15.12
CA GLY A 47 0.73 -0.08 15.58
C GLY A 47 1.87 -1.09 15.50
N VAL A 48 1.51 -2.35 15.37
CA VAL A 48 2.49 -3.42 15.28
C VAL A 48 2.93 -3.61 13.84
N GLU A 49 4.23 -3.73 13.63
CA GLU A 49 4.77 -3.95 12.30
C GLU A 49 4.24 -5.26 11.73
N ARG A 50 3.91 -5.23 10.45
CA ARG A 50 3.26 -6.36 9.85
C ARG A 50 4.31 -7.32 9.28
N LYS A 51 4.31 -8.53 9.85
CA LYS A 51 5.16 -9.62 9.41
C LYS A 51 5.02 -9.87 7.92
N LYS A 52 6.03 -10.51 7.31
CA LYS A 52 6.02 -10.85 5.89
C LYS A 52 4.67 -11.43 5.42
N GLY A 53 4.49 -11.46 4.11
CA GLY A 53 3.18 -11.47 3.53
C GLY A 53 3.01 -10.18 2.75
N VAL A 54 4.11 -9.44 2.73
CA VAL A 54 4.22 -8.23 1.97
C VAL A 54 4.71 -8.58 0.57
N GLU A 55 4.05 -8.04 -0.45
CA GLU A 55 4.35 -8.44 -1.81
C GLU A 55 4.68 -7.22 -2.66
N THR A 56 5.94 -7.09 -3.02
CA THR A 56 6.37 -6.03 -3.89
C THR A 56 6.49 -6.54 -5.32
N GLN A 57 5.77 -5.91 -6.23
CA GLN A 57 5.83 -6.31 -7.62
C GLN A 57 6.68 -5.33 -8.41
N ASN A 58 6.89 -5.63 -9.68
CA ASN A 58 7.68 -4.75 -10.55
C ASN A 58 6.88 -3.51 -10.93
N PRO A 59 7.61 -2.41 -11.18
CA PRO A 59 7.01 -1.12 -11.55
C PRO A 59 6.32 -1.15 -12.89
N GLU A 60 5.27 -0.36 -13.01
CA GLU A 60 4.61 -0.15 -14.29
C GLU A 60 4.74 1.32 -14.66
N TRP A 61 4.79 1.60 -15.94
CA TRP A 61 5.12 2.94 -16.38
C TRP A 61 3.93 3.66 -17.01
N SER A 62 3.66 4.85 -16.51
CA SER A 62 2.63 5.70 -17.09
C SER A 62 3.23 7.07 -17.37
N GLY A 63 3.55 7.33 -18.63
CA GLY A 63 4.19 8.57 -18.99
C GLY A 63 5.51 8.74 -18.30
N SER A 64 5.72 9.89 -17.68
CA SER A 64 6.95 10.16 -16.94
C SER A 64 6.85 9.60 -15.53
N LYS A 65 5.68 9.11 -15.16
CA LYS A 65 5.45 8.66 -13.80
C LYS A 65 5.62 7.15 -13.68
N SER A 66 5.98 6.72 -12.49
CA SER A 66 6.20 5.31 -12.23
C SER A 66 5.17 4.82 -11.21
N THR A 67 4.79 3.57 -11.31
CA THR A 67 3.81 3.01 -10.40
C THR A 67 4.28 1.67 -9.83
N ILE A 68 4.36 1.63 -8.52
CA ILE A 68 4.73 0.40 -7.82
C ILE A 68 3.52 -0.15 -7.08
N VAL A 69 3.29 -1.44 -7.24
CA VAL A 69 2.22 -2.08 -6.52
C VAL A 69 2.75 -2.98 -5.43
N SER A 70 2.32 -2.70 -4.21
CA SER A 70 2.67 -3.53 -3.09
C SER A 70 1.42 -4.10 -2.43
N LYS A 71 1.35 -5.40 -2.36
CA LYS A 71 0.17 -6.08 -1.83
C LYS A 71 0.48 -6.62 -0.45
N LEU A 72 -0.56 -6.74 0.37
CA LEU A 72 -0.41 -7.35 1.68
C LEU A 72 -1.31 -8.56 1.77
N LYS A 73 -0.71 -9.73 1.90
CA LYS A 73 -1.46 -10.94 2.14
C LYS A 73 -1.83 -10.94 3.60
N VAL A 74 -3.11 -10.80 3.86
CA VAL A 74 -3.58 -10.52 5.19
C VAL A 74 -4.66 -11.50 5.58
N MET A 75 -4.79 -11.74 6.87
CA MET A 75 -5.72 -12.73 7.35
C MET A 75 -7.15 -12.24 7.20
N ALA A 76 -7.96 -13.11 6.60
CA ALA A 76 -9.39 -12.85 6.42
C ALA A 76 -10.04 -12.47 7.74
N SER A 77 -9.56 -13.06 8.83
CA SER A 77 -10.07 -12.78 10.16
C SER A 77 -9.68 -11.39 10.64
N GLU A 78 -8.49 -10.93 10.25
CA GLU A 78 -8.01 -9.62 10.67
C GLU A 78 -8.85 -8.55 10.00
N TRP A 79 -8.95 -8.64 8.68
CA TRP A 79 -9.76 -7.68 7.92
C TRP A 79 -11.21 -7.70 8.41
N ASP A 80 -11.74 -8.89 8.65
CA ASP A 80 -13.10 -9.02 9.18
C ASP A 80 -13.23 -8.36 10.56
N SER A 81 -12.12 -8.28 11.28
CA SER A 81 -12.14 -7.73 12.63
C SER A 81 -11.95 -6.22 12.60
N GLY A 82 -11.77 -5.66 11.41
CA GLY A 82 -11.60 -4.23 11.28
C GLY A 82 -10.29 -3.74 11.86
N THR A 83 -9.28 -4.61 11.85
CA THR A 83 -7.96 -4.24 12.34
C THR A 83 -7.36 -3.15 11.46
N GLU A 84 -6.52 -2.31 12.05
CA GLU A 84 -5.97 -1.17 11.34
C GLU A 84 -4.80 -1.58 10.45
N TYR A 85 -4.74 -0.97 9.28
CA TYR A 85 -3.60 -1.18 8.40
C TYR A 85 -3.17 0.13 7.80
N VAL A 86 -1.90 0.44 7.93
CA VAL A 86 -1.35 1.66 7.37
C VAL A 86 -0.25 1.30 6.37
N CYS A 87 -0.23 2.00 5.25
CA CYS A 87 0.77 1.77 4.23
C CYS A 87 1.69 2.97 4.18
N LEU A 88 2.96 2.74 4.45
CA LEU A 88 3.95 3.78 4.43
C LEU A 88 4.94 3.53 3.31
N VAL A 89 5.45 4.59 2.72
CA VAL A 89 6.44 4.50 1.66
C VAL A 89 7.54 5.51 1.89
N GLU A 90 8.79 5.04 1.91
CA GLU A 90 9.93 5.92 2.08
C GLU A 90 11.01 5.59 1.06
N ASP A 91 11.71 6.62 0.60
CA ASP A 91 12.77 6.45 -0.36
C ASP A 91 13.98 7.31 0.02
N SER A 92 15.15 6.94 -0.49
CA SER A 92 16.37 7.68 -0.22
C SER A 92 16.19 9.17 -0.55
N GLU A 93 15.52 9.46 -1.66
CA GLU A 93 15.37 10.83 -2.13
C GLU A 93 14.16 11.50 -1.50
N LEU A 94 13.42 10.75 -0.69
CA LEU A 94 12.25 11.29 0.00
C LEU A 94 12.65 11.83 1.36
N PRO A 95 12.26 13.09 1.65
CA PRO A 95 12.59 13.76 2.91
C PRO A 95 11.94 13.10 4.11
N THR A 96 10.73 12.60 3.90
CA THR A 96 9.98 11.92 4.95
C THR A 96 9.12 10.83 4.35
N PRO A 97 8.80 9.80 5.13
CA PRO A 97 7.90 8.73 4.70
C PRO A 97 6.47 9.24 4.55
N VAL A 98 5.71 8.59 3.69
CA VAL A 98 4.33 8.96 3.45
C VAL A 98 3.45 7.80 3.86
N LYS A 99 2.26 8.07 4.37
CA LYS A 99 1.42 7.01 4.88
C LYS A 99 -0.05 7.23 4.54
N ALA A 100 -0.79 6.13 4.52
CA ALA A 100 -2.23 6.14 4.31
C ALA A 100 -2.80 4.89 4.98
N SER A 101 -3.95 5.03 5.61
CA SER A 101 -4.50 3.94 6.40
C SER A 101 -5.83 3.47 5.85
N ILE A 102 -6.15 2.22 6.10
CA ILE A 102 -7.33 1.59 5.54
C ILE A 102 -8.22 1.03 6.63
N ARG A 103 -9.52 1.01 6.36
CA ARG A 103 -10.50 0.41 7.25
C ARG A 103 -11.56 -0.27 6.39
N LYS A 104 -12.20 -1.30 6.91
CA LYS A 104 -13.21 -1.98 6.13
C LYS A 104 -14.51 -1.20 6.12
N ALA A 105 -14.80 -0.61 4.96
CA ALA A 105 -15.96 0.23 4.76
C ALA A 105 -15.91 0.80 3.35
N MET A 1 5.05 23.19 -11.18
CA MET A 1 6.25 22.59 -11.80
C MET A 1 7.42 22.69 -10.83
N GLY A 2 8.63 22.49 -11.33
CA GLY A 2 9.82 22.63 -10.49
C GLY A 2 10.01 21.45 -9.57
N ARG A 3 10.09 20.25 -10.15
CA ARG A 3 10.24 19.02 -9.39
C ARG A 3 9.12 18.93 -8.35
N GLN A 4 7.90 18.82 -8.83
CA GLN A 4 6.73 18.90 -7.97
C GLN A 4 6.35 17.51 -7.47
N THR A 5 6.15 17.40 -6.15
CA THR A 5 5.88 16.14 -5.51
C THR A 5 4.48 15.63 -5.81
N ASP A 6 4.42 14.76 -6.78
CA ASP A 6 3.27 13.92 -6.92
C ASP A 6 3.61 12.60 -6.28
N ILE A 7 2.95 12.32 -5.20
CA ILE A 7 2.97 11.02 -4.59
C ILE A 7 1.54 10.52 -4.43
N SER A 8 1.20 9.51 -5.20
CA SER A 8 -0.15 9.03 -5.25
C SER A 8 -0.26 7.67 -4.60
N VAL A 9 -0.81 7.64 -3.39
CA VAL A 9 -1.01 6.40 -2.67
C VAL A 9 -2.50 6.10 -2.54
N SER A 10 -2.94 5.00 -3.14
CA SER A 10 -4.33 4.60 -3.07
C SER A 10 -4.44 3.22 -2.44
N LEU A 11 -5.26 3.13 -1.44
CA LEU A 11 -5.48 1.87 -0.75
C LEU A 11 -6.76 1.22 -1.22
N LEU A 12 -6.65 -0.03 -1.63
CA LEU A 12 -7.78 -0.78 -2.13
C LEU A 12 -8.13 -1.85 -1.12
N LYS A 13 -9.31 -1.73 -0.54
CA LYS A 13 -9.81 -2.68 0.45
C LYS A 13 -10.28 -3.94 -0.27
N PRO A 14 -10.27 -5.09 0.43
CA PRO A 14 -10.72 -6.35 -0.15
C PRO A 14 -12.17 -6.29 -0.60
N PRO A 15 -12.43 -6.57 -1.88
CA PRO A 15 -13.77 -6.54 -2.45
C PRO A 15 -14.72 -7.48 -1.73
N PHE A 16 -15.95 -7.04 -1.53
CA PHE A 16 -16.93 -7.85 -0.82
C PHE A 16 -18.00 -8.35 -1.77
N GLU A 17 -17.76 -9.51 -2.36
CA GLU A 17 -18.74 -10.12 -3.25
C GLU A 17 -19.40 -11.29 -2.54
N GLU A 18 -20.58 -11.67 -3.00
CA GLU A 18 -21.35 -12.72 -2.36
C GLU A 18 -21.59 -13.86 -3.34
N ILE A 19 -21.47 -13.57 -4.63
CA ILE A 19 -21.57 -14.60 -5.66
C ILE A 19 -20.25 -15.35 -5.79
N TRP A 20 -19.16 -14.63 -5.64
CA TRP A 20 -17.83 -15.21 -5.75
C TRP A 20 -17.14 -15.23 -4.40
N THR A 21 -15.99 -15.88 -4.34
CA THR A 21 -15.16 -15.88 -3.15
C THR A 21 -13.69 -15.93 -3.52
N GLN A 22 -12.95 -14.86 -3.22
CA GLN A 22 -11.53 -14.82 -3.51
C GLN A 22 -10.72 -15.47 -2.38
N GLN A 23 -9.41 -15.26 -2.40
CA GLN A 23 -8.52 -15.90 -1.44
C GLN A 23 -8.84 -15.46 -0.01
N THR A 24 -8.67 -14.18 0.25
CA THR A 24 -8.83 -13.65 1.60
C THR A 24 -8.95 -12.13 1.55
N ALA A 25 -9.00 -11.52 2.73
CA ALA A 25 -9.17 -10.08 2.89
C ALA A 25 -7.92 -9.29 2.51
N THR A 26 -7.11 -9.85 1.61
CA THR A 26 -5.81 -9.29 1.29
C THR A 26 -5.93 -7.85 0.76
N ILE A 27 -5.13 -6.96 1.35
CA ILE A 27 -5.19 -5.53 1.06
C ILE A 27 -4.27 -5.18 -0.09
N VAL A 28 -4.59 -4.13 -0.83
CA VAL A 28 -3.70 -3.67 -1.89
C VAL A 28 -3.45 -2.16 -1.79
N CYS A 29 -2.19 -1.79 -1.89
CA CYS A 29 -1.76 -0.39 -1.90
C CYS A 29 -1.01 -0.10 -3.19
N GLU A 30 -1.58 0.76 -4.02
CA GLU A 30 -0.94 1.14 -5.27
C GLU A 30 -0.39 2.55 -5.16
N ILE A 31 0.89 2.71 -5.51
CA ILE A 31 1.55 4.00 -5.40
C ILE A 31 2.19 4.39 -6.72
N VAL A 32 1.97 5.63 -7.10
CA VAL A 32 2.53 6.17 -8.33
C VAL A 32 3.24 7.49 -8.07
N TYR A 33 4.42 7.61 -8.64
CA TYR A 33 5.34 8.70 -8.38
C TYR A 33 6.40 8.77 -9.47
N SER A 34 7.15 9.85 -9.50
CA SER A 34 8.13 10.05 -10.57
C SER A 34 9.41 10.69 -10.04
N ASP A 35 10.54 10.37 -10.68
CA ASP A 35 11.81 11.05 -10.41
C ASP A 35 12.46 10.55 -9.12
N LEU A 36 11.94 9.47 -8.56
CA LEU A 36 12.35 9.01 -7.23
C LEU A 36 13.43 7.93 -7.29
N GLU A 37 13.84 7.54 -6.09
CA GLU A 37 14.83 6.48 -5.89
C GLU A 37 14.15 5.23 -5.39
N ASN A 38 14.89 4.13 -5.27
CA ASN A 38 14.30 2.91 -4.79
C ASN A 38 13.75 3.14 -3.39
N ILE A 39 12.46 3.06 -3.39
CA ILE A 39 11.61 3.41 -2.27
C ILE A 39 11.38 2.27 -1.28
N LYS A 40 11.23 2.65 -0.01
CA LYS A 40 10.90 1.72 1.05
C LYS A 40 9.41 1.83 1.37
N VAL A 41 8.71 0.71 1.34
CA VAL A 41 7.28 0.70 1.63
C VAL A 41 7.02 0.09 3.00
N PHE A 42 6.11 0.68 3.76
CA PHE A 42 5.82 0.24 5.11
C PHE A 42 4.38 -0.20 5.26
N TRP A 43 4.14 -1.17 6.11
CA TRP A 43 2.78 -1.52 6.55
C TRP A 43 2.81 -1.77 8.05
N GLN A 44 1.88 -1.19 8.79
CA GLN A 44 1.79 -1.42 10.23
C GLN A 44 0.42 -1.95 10.59
N VAL A 45 0.34 -3.03 11.37
CA VAL A 45 -0.94 -3.57 11.78
C VAL A 45 -1.00 -3.67 13.29
N ASN A 46 -1.95 -2.95 13.89
CA ASN A 46 -2.08 -2.87 15.35
C ASN A 46 -0.80 -2.35 15.99
N GLY A 47 -0.11 -1.46 15.28
CA GLY A 47 1.13 -0.92 15.80
C GLY A 47 2.27 -1.92 15.79
N VAL A 48 2.00 -3.14 15.35
CA VAL A 48 3.04 -4.16 15.27
C VAL A 48 3.29 -4.59 13.82
N GLU A 49 4.56 -4.76 13.51
CA GLU A 49 4.98 -5.34 12.24
C GLU A 49 4.42 -6.74 12.08
N ARG A 50 3.68 -6.93 11.01
CA ARG A 50 3.05 -8.22 10.79
C ARG A 50 3.95 -9.10 9.93
N LYS A 51 3.61 -10.39 9.88
CA LYS A 51 4.41 -11.37 9.17
C LYS A 51 4.44 -11.12 7.68
N LYS A 52 5.46 -11.68 7.02
CA LYS A 52 5.62 -11.60 5.58
C LYS A 52 4.33 -11.99 4.84
N GLY A 53 4.30 -11.69 3.56
CA GLY A 53 3.05 -11.64 2.82
C GLY A 53 2.82 -10.24 2.32
N VAL A 54 3.85 -9.41 2.51
CA VAL A 54 3.91 -8.10 1.89
C VAL A 54 4.56 -8.25 0.53
N GLU A 55 3.91 -7.76 -0.50
CA GLU A 55 4.35 -8.00 -1.85
C GLU A 55 4.65 -6.69 -2.56
N THR A 56 5.91 -6.43 -2.80
CA THR A 56 6.31 -5.24 -3.55
C THR A 56 6.63 -5.61 -4.98
N GLN A 57 5.86 -5.08 -5.91
CA GLN A 57 6.02 -5.43 -7.30
C GLN A 57 7.07 -4.55 -7.98
N ASN A 58 7.73 -5.12 -8.97
CA ASN A 58 8.75 -4.43 -9.74
C ASN A 58 8.14 -3.25 -10.50
N PRO A 59 8.86 -2.12 -10.50
CA PRO A 59 8.34 -0.84 -11.01
C PRO A 59 7.99 -0.88 -12.49
N GLU A 60 6.85 -0.29 -12.83
CA GLU A 60 6.44 -0.17 -14.21
C GLU A 60 6.25 1.31 -14.53
N TRP A 61 6.85 1.75 -15.62
CA TRP A 61 6.78 3.14 -16.02
C TRP A 61 5.53 3.39 -16.85
N SER A 62 4.88 4.51 -16.62
CA SER A 62 3.67 4.88 -17.34
C SER A 62 3.69 6.37 -17.68
N GLY A 63 3.97 6.68 -18.94
CA GLY A 63 3.98 8.06 -19.37
C GLY A 63 5.17 8.83 -18.82
N SER A 64 4.91 9.69 -17.85
CA SER A 64 5.97 10.43 -17.18
C SER A 64 6.09 9.97 -15.73
N LYS A 65 5.29 8.98 -15.36
CA LYS A 65 5.21 8.53 -13.98
C LYS A 65 5.61 7.07 -13.83
N SER A 66 5.91 6.68 -12.61
CA SER A 66 6.22 5.29 -12.28
C SER A 66 5.15 4.77 -11.32
N THR A 67 4.86 3.49 -11.40
CA THR A 67 3.85 2.91 -10.52
C THR A 67 4.38 1.65 -9.84
N ILE A 68 4.38 1.67 -8.52
CA ILE A 68 4.79 0.54 -7.70
C ILE A 68 3.56 -0.06 -7.03
N VAL A 69 3.47 -1.38 -7.02
CA VAL A 69 2.34 -2.04 -6.41
C VAL A 69 2.76 -2.75 -5.13
N SER A 70 2.03 -2.51 -4.04
CA SER A 70 2.29 -3.18 -2.79
C SER A 70 1.04 -3.88 -2.29
N LYS A 71 1.05 -5.19 -2.30
CA LYS A 71 -0.08 -5.99 -1.88
C LYS A 71 0.21 -6.62 -0.52
N LEU A 72 -0.80 -6.76 0.31
CA LEU A 72 -0.60 -7.33 1.64
C LEU A 72 -1.54 -8.52 1.85
N LYS A 73 -0.95 -9.68 2.08
CA LYS A 73 -1.70 -10.88 2.39
C LYS A 73 -2.04 -10.91 3.88
N VAL A 74 -3.33 -10.87 4.19
CA VAL A 74 -3.78 -10.79 5.57
C VAL A 74 -4.94 -11.74 5.81
N MET A 75 -5.17 -12.06 7.08
CA MET A 75 -6.26 -12.95 7.47
C MET A 75 -7.59 -12.19 7.42
N ALA A 76 -8.59 -12.78 6.80
CA ALA A 76 -9.92 -12.17 6.71
C ALA A 76 -10.41 -11.69 8.07
N SER A 77 -10.37 -12.57 9.08
CA SER A 77 -10.85 -12.25 10.42
C SER A 77 -10.09 -11.06 11.03
N GLU A 78 -8.83 -10.87 10.65
CA GLU A 78 -8.03 -9.77 11.14
C GLU A 78 -8.56 -8.47 10.54
N TRP A 79 -8.71 -8.50 9.21
CA TRP A 79 -9.29 -7.37 8.51
C TRP A 79 -10.68 -7.06 9.06
N ASP A 80 -11.46 -8.11 9.27
CA ASP A 80 -12.83 -7.98 9.74
C ASP A 80 -12.88 -7.56 11.22
N SER A 81 -11.72 -7.52 11.85
CA SER A 81 -11.62 -7.05 13.22
C SER A 81 -11.54 -5.53 13.25
N GLY A 82 -11.41 -4.92 12.08
CA GLY A 82 -11.34 -3.48 11.98
C GLY A 82 -9.97 -2.95 12.33
N THR A 83 -8.98 -3.82 12.22
CA THR A 83 -7.60 -3.44 12.51
C THR A 83 -7.08 -2.49 11.45
N GLU A 84 -6.07 -1.73 11.82
CA GLU A 84 -5.49 -0.74 10.93
C GLU A 84 -4.51 -1.36 9.95
N TYR A 85 -4.60 -0.88 8.73
CA TYR A 85 -3.58 -1.20 7.74
C TYR A 85 -3.06 0.08 7.15
N VAL A 86 -1.79 0.34 7.35
CA VAL A 86 -1.19 1.56 6.88
C VAL A 86 -0.09 1.24 5.89
N CYS A 87 -0.15 1.89 4.75
CA CYS A 87 0.85 1.71 3.72
C CYS A 87 1.54 3.05 3.55
N LEU A 88 2.86 3.06 3.68
CA LEU A 88 3.57 4.32 3.59
C LEU A 88 4.84 4.16 2.77
N VAL A 89 5.27 5.27 2.19
CA VAL A 89 6.38 5.31 1.26
C VAL A 89 7.47 6.25 1.78
N GLU A 90 8.70 5.82 1.71
CA GLU A 90 9.82 6.66 2.09
C GLU A 90 10.89 6.64 1.00
N ASP A 91 11.45 7.80 0.71
CA ASP A 91 12.43 7.95 -0.35
C ASP A 91 13.44 9.03 0.03
N SER A 92 14.65 8.89 -0.48
CA SER A 92 15.76 9.77 -0.13
C SER A 92 15.52 11.22 -0.57
N GLU A 93 14.61 11.41 -1.53
CA GLU A 93 14.30 12.74 -2.04
C GLU A 93 13.15 13.37 -1.28
N LEU A 94 12.50 12.60 -0.41
CA LEU A 94 11.35 13.08 0.32
C LEU A 94 11.77 13.62 1.69
N PRO A 95 11.05 14.64 2.17
CA PRO A 95 11.34 15.27 3.46
C PRO A 95 10.72 14.48 4.62
N THR A 96 9.61 13.83 4.33
CA THR A 96 8.92 13.00 5.28
C THR A 96 8.35 11.77 4.58
N PRO A 97 8.15 10.66 5.30
CA PRO A 97 7.49 9.48 4.74
C PRO A 97 6.02 9.75 4.44
N VAL A 98 5.48 9.08 3.45
CA VAL A 98 4.11 9.31 3.03
C VAL A 98 3.25 8.11 3.42
N LYS A 99 2.44 8.29 4.44
CA LYS A 99 1.71 7.18 5.03
C LYS A 99 0.20 7.31 4.75
N ALA A 100 -0.47 6.16 4.65
CA ALA A 100 -1.91 6.13 4.38
C ALA A 100 -2.54 4.91 5.01
N SER A 101 -3.61 5.09 5.76
CA SER A 101 -4.24 4.00 6.50
C SER A 101 -5.60 3.62 5.91
N ILE A 102 -5.97 2.36 6.10
CA ILE A 102 -7.26 1.85 5.65
C ILE A 102 -7.93 1.09 6.79
N ARG A 103 -9.25 1.13 6.81
CA ARG A 103 -10.01 0.54 7.90
C ARG A 103 -11.21 -0.22 7.35
N LYS A 104 -11.72 -1.15 8.16
CA LYS A 104 -12.91 -1.92 7.80
C LYS A 104 -14.12 -1.00 7.69
N ALA A 105 -14.58 -0.81 6.47
CA ALA A 105 -15.74 0.02 6.19
C ALA A 105 -16.53 -0.57 5.04
N MET A 1 0.64 19.03 -10.06
CA MET A 1 1.63 17.94 -9.88
C MET A 1 2.61 17.93 -11.04
N GLY A 2 3.75 17.29 -10.83
CA GLY A 2 4.83 17.37 -11.77
C GLY A 2 5.87 18.37 -11.30
N ARG A 3 5.86 18.61 -10.00
CA ARG A 3 6.73 19.58 -9.37
C ARG A 3 8.10 18.99 -9.08
N GLN A 4 8.10 17.86 -8.40
CA GLN A 4 9.31 17.18 -7.97
C GLN A 4 8.91 15.91 -7.25
N THR A 5 8.39 16.10 -6.06
CA THR A 5 7.86 15.02 -5.26
C THR A 5 6.39 14.90 -5.45
N ASP A 6 6.05 14.08 -6.42
CA ASP A 6 4.69 13.70 -6.58
C ASP A 6 4.56 12.32 -5.99
N ILE A 7 3.84 12.26 -4.90
CA ILE A 7 3.51 11.00 -4.27
C ILE A 7 2.00 10.81 -4.16
N SER A 8 1.51 9.75 -4.79
CA SER A 8 0.11 9.40 -4.72
C SER A 8 -0.03 7.94 -4.28
N VAL A 9 -0.72 7.75 -3.16
CA VAL A 9 -0.88 6.41 -2.59
C VAL A 9 -2.34 5.97 -2.64
N SER A 10 -2.61 4.88 -3.34
CA SER A 10 -3.96 4.38 -3.49
C SER A 10 -4.12 3.08 -2.72
N LEU A 11 -5.01 3.10 -1.74
CA LEU A 11 -5.30 1.91 -0.95
C LEU A 11 -6.56 1.25 -1.45
N LEU A 12 -6.46 0.00 -1.85
CA LEU A 12 -7.59 -0.73 -2.37
C LEU A 12 -7.99 -1.80 -1.37
N LYS A 13 -9.20 -1.67 -0.84
CA LYS A 13 -9.71 -2.58 0.16
C LYS A 13 -10.18 -3.89 -0.48
N PRO A 14 -10.08 -4.99 0.29
CA PRO A 14 -10.56 -6.29 -0.15
C PRO A 14 -12.09 -6.39 -0.06
N PRO A 15 -12.73 -6.97 -1.08
CA PRO A 15 -14.18 -7.13 -1.12
C PRO A 15 -14.64 -8.33 -0.30
N PHE A 16 -15.94 -8.39 -0.02
CA PHE A 16 -16.50 -9.48 0.77
C PHE A 16 -17.33 -10.38 -0.13
N GLU A 17 -16.85 -10.60 -1.34
CA GLU A 17 -17.58 -11.37 -2.32
C GLU A 17 -17.44 -12.87 -2.06
N GLU A 18 -18.48 -13.47 -1.52
CA GLU A 18 -18.46 -14.90 -1.20
C GLU A 18 -18.73 -15.72 -2.46
N ILE A 19 -18.86 -15.05 -3.59
CA ILE A 19 -18.95 -15.72 -4.88
C ILE A 19 -17.63 -16.42 -5.19
N TRP A 20 -16.54 -15.85 -4.68
CA TRP A 20 -15.24 -16.46 -4.83
C TRP A 20 -15.06 -17.49 -3.73
N THR A 21 -14.99 -18.76 -4.13
CA THR A 21 -14.87 -19.83 -3.16
C THR A 21 -13.44 -19.90 -2.63
N GLN A 22 -13.30 -19.60 -1.34
CA GLN A 22 -12.01 -19.61 -0.66
C GLN A 22 -11.10 -18.51 -1.21
N GLN A 23 -11.12 -17.37 -0.54
CA GLN A 23 -10.24 -16.26 -0.89
C GLN A 23 -9.71 -15.63 0.40
N THR A 24 -8.82 -14.67 0.28
CA THR A 24 -8.27 -14.01 1.45
C THR A 24 -8.53 -12.51 1.43
N ALA A 25 -8.46 -11.91 2.61
CA ALA A 25 -8.75 -10.51 2.83
C ALA A 25 -7.59 -9.61 2.39
N THR A 26 -6.80 -10.07 1.44
CA THR A 26 -5.57 -9.40 1.06
C THR A 26 -5.84 -7.97 0.55
N ILE A 27 -5.17 -7.02 1.20
CA ILE A 27 -5.32 -5.61 0.88
C ILE A 27 -4.26 -5.20 -0.13
N VAL A 28 -4.55 -4.17 -0.91
CA VAL A 28 -3.60 -3.74 -1.92
C VAL A 28 -3.30 -2.25 -1.81
N CYS A 29 -2.01 -1.93 -1.88
CA CYS A 29 -1.54 -0.56 -1.90
C CYS A 29 -0.80 -0.32 -3.21
N GLU A 30 -1.38 0.50 -4.06
CA GLU A 30 -0.78 0.79 -5.34
C GLU A 30 -0.35 2.24 -5.35
N ILE A 31 0.93 2.47 -5.55
CA ILE A 31 1.51 3.76 -5.28
C ILE A 31 2.18 4.33 -6.53
N VAL A 32 1.88 5.58 -6.78
CA VAL A 32 2.39 6.28 -7.95
C VAL A 32 3.27 7.44 -7.53
N TYR A 33 4.45 7.53 -8.11
CA TYR A 33 5.40 8.59 -7.80
C TYR A 33 6.43 8.73 -8.90
N SER A 34 7.15 9.84 -8.91
CA SER A 34 8.13 10.12 -9.94
C SER A 34 9.32 10.86 -9.34
N ASP A 35 10.52 10.60 -9.89
CA ASP A 35 11.73 11.33 -9.50
C ASP A 35 12.30 10.80 -8.19
N LEU A 36 11.74 9.71 -7.70
CA LEU A 36 12.15 9.13 -6.44
C LEU A 36 13.22 8.06 -6.64
N GLU A 37 13.97 7.82 -5.57
CA GLU A 37 14.92 6.72 -5.52
C GLU A 37 14.20 5.47 -5.14
N ASN A 38 14.88 4.34 -5.15
CA ASN A 38 14.23 3.09 -4.90
C ASN A 38 13.57 3.18 -3.53
N ILE A 39 12.28 3.14 -3.64
CA ILE A 39 11.35 3.28 -2.53
C ILE A 39 11.29 2.05 -1.63
N LYS A 40 11.07 2.29 -0.35
CA LYS A 40 10.78 1.22 0.60
C LYS A 40 9.40 1.42 1.18
N VAL A 41 8.63 0.34 1.28
CA VAL A 41 7.24 0.43 1.71
C VAL A 41 7.03 -0.24 3.06
N PHE A 42 6.22 0.41 3.91
CA PHE A 42 5.94 -0.12 5.23
C PHE A 42 4.47 -0.39 5.39
N TRP A 43 4.14 -1.38 6.21
CA TRP A 43 2.77 -1.61 6.64
C TRP A 43 2.77 -1.79 8.15
N GLN A 44 1.89 -1.11 8.86
CA GLN A 44 1.83 -1.23 10.30
C GLN A 44 0.41 -1.55 10.77
N VAL A 45 0.31 -2.56 11.63
CA VAL A 45 -0.98 -2.99 12.17
C VAL A 45 -1.04 -2.76 13.67
N ASN A 46 -1.86 -1.81 14.09
CA ASN A 46 -2.04 -1.50 15.51
C ASN A 46 -0.72 -1.09 16.13
N GLY A 47 0.07 -0.37 15.35
CA GLY A 47 1.38 0.04 15.81
C GLY A 47 2.40 -1.07 15.74
N VAL A 48 1.96 -2.29 15.47
CA VAL A 48 2.87 -3.43 15.36
C VAL A 48 3.19 -3.69 13.90
N GLU A 49 4.47 -3.85 13.58
CA GLU A 49 4.90 -4.18 12.22
C GLU A 49 4.25 -5.48 11.76
N ARG A 50 3.81 -5.49 10.51
CA ARG A 50 3.07 -6.62 9.99
C ARG A 50 4.04 -7.62 9.38
N LYS A 51 3.80 -8.89 9.67
CA LYS A 51 4.65 -9.98 9.19
C LYS A 51 4.54 -10.12 7.69
N LYS A 52 5.56 -10.71 7.07
CA LYS A 52 5.63 -10.96 5.64
C LYS A 52 4.32 -11.52 5.07
N GLY A 53 4.22 -11.48 3.76
CA GLY A 53 2.95 -11.53 3.08
C GLY A 53 2.72 -10.23 2.36
N VAL A 54 3.78 -9.43 2.37
CA VAL A 54 3.86 -8.20 1.62
C VAL A 54 4.44 -8.51 0.25
N GLU A 55 3.85 -7.98 -0.81
CA GLU A 55 4.27 -8.30 -2.15
C GLU A 55 4.50 -7.02 -2.94
N THR A 56 5.75 -6.73 -3.23
CA THR A 56 6.07 -5.59 -4.04
C THR A 56 6.32 -6.02 -5.47
N GLN A 57 5.57 -5.47 -6.40
CA GLN A 57 5.69 -5.83 -7.79
C GLN A 57 6.56 -4.82 -8.51
N ASN A 58 7.20 -5.29 -9.56
CA ASN A 58 8.14 -4.48 -10.32
C ASN A 58 7.42 -3.34 -11.01
N PRO A 59 7.98 -2.14 -10.87
CA PRO A 59 7.34 -0.89 -11.31
C PRO A 59 7.03 -0.85 -12.80
N GLU A 60 5.88 -0.27 -13.14
CA GLU A 60 5.52 -0.07 -14.53
C GLU A 60 4.59 1.13 -14.65
N TRP A 61 5.10 2.24 -15.15
CA TRP A 61 4.25 3.33 -15.57
C TRP A 61 4.83 3.97 -16.83
N SER A 62 4.03 4.76 -17.53
CA SER A 62 4.55 5.61 -18.59
C SER A 62 5.68 6.47 -18.02
N GLY A 63 6.71 6.69 -18.83
CA GLY A 63 7.97 7.28 -18.39
C GLY A 63 7.87 8.57 -17.57
N SER A 64 6.72 9.20 -17.56
CA SER A 64 6.54 10.44 -16.81
C SER A 64 6.40 10.17 -15.30
N LYS A 65 5.97 8.97 -14.94
CA LYS A 65 5.79 8.58 -13.55
C LYS A 65 6.13 7.10 -13.38
N SER A 66 6.29 6.67 -12.15
CA SER A 66 6.52 5.26 -11.85
C SER A 66 5.40 4.72 -10.97
N THR A 67 5.11 3.44 -11.09
CA THR A 67 4.05 2.85 -10.29
C THR A 67 4.53 1.57 -9.63
N ILE A 68 4.47 1.56 -8.31
CA ILE A 68 4.84 0.40 -7.52
C ILE A 68 3.58 -0.20 -6.92
N VAL A 69 3.37 -1.47 -7.16
CA VAL A 69 2.20 -2.17 -6.66
C VAL A 69 2.57 -3.07 -5.51
N SER A 70 1.94 -2.85 -4.37
CA SER A 70 2.20 -3.67 -3.20
C SER A 70 0.94 -4.37 -2.73
N LYS A 71 1.04 -5.66 -2.51
CA LYS A 71 -0.06 -6.43 -1.94
C LYS A 71 0.27 -6.77 -0.50
N LEU A 72 -0.75 -6.85 0.32
CA LEU A 72 -0.59 -7.37 1.66
C LEU A 72 -1.59 -8.50 1.86
N LYS A 73 -1.08 -9.70 2.04
CA LYS A 73 -1.93 -10.85 2.22
C LYS A 73 -2.15 -11.09 3.70
N VAL A 74 -3.38 -10.89 4.14
CA VAL A 74 -3.68 -10.88 5.56
C VAL A 74 -4.73 -11.93 5.88
N MET A 75 -4.92 -12.17 7.16
CA MET A 75 -5.96 -13.09 7.59
C MET A 75 -7.31 -12.44 7.42
N ALA A 76 -8.21 -13.20 6.83
CA ALA A 76 -9.56 -12.75 6.59
C ALA A 76 -10.22 -12.32 7.89
N SER A 77 -9.82 -12.95 9.00
CA SER A 77 -10.30 -12.63 10.33
C SER A 77 -9.71 -11.30 10.82
N GLU A 78 -8.48 -10.98 10.39
CA GLU A 78 -7.85 -9.72 10.77
C GLU A 78 -8.65 -8.59 10.16
N TRP A 79 -8.85 -8.69 8.85
CA TRP A 79 -9.64 -7.69 8.15
C TRP A 79 -11.05 -7.62 8.72
N ASP A 80 -11.62 -8.78 9.01
CA ASP A 80 -12.96 -8.88 9.56
C ASP A 80 -13.00 -8.32 10.99
N SER A 81 -11.84 -8.21 11.63
CA SER A 81 -11.75 -7.67 12.98
C SER A 81 -11.62 -6.15 12.91
N GLY A 82 -11.50 -5.63 11.70
CA GLY A 82 -11.37 -4.20 11.51
C GLY A 82 -10.04 -3.68 12.03
N THR A 83 -9.02 -4.51 12.00
CA THR A 83 -7.71 -4.12 12.48
C THR A 83 -7.07 -3.11 11.54
N GLU A 84 -6.20 -2.28 12.09
CA GLU A 84 -5.61 -1.17 11.35
C GLU A 84 -4.55 -1.64 10.37
N TYR A 85 -4.60 -1.11 9.16
CA TYR A 85 -3.54 -1.36 8.20
C TYR A 85 -3.09 -0.06 7.58
N VAL A 86 -1.80 0.20 7.63
CA VAL A 86 -1.22 1.39 7.05
C VAL A 86 -0.21 0.99 6.00
N CYS A 87 -0.24 1.67 4.86
CA CYS A 87 0.77 1.51 3.85
C CYS A 87 1.49 2.83 3.74
N LEU A 88 2.80 2.79 3.77
CA LEU A 88 3.57 3.99 3.96
C LEU A 88 4.88 3.91 3.20
N VAL A 89 5.35 5.04 2.73
CA VAL A 89 6.52 5.11 1.88
C VAL A 89 7.64 5.88 2.55
N GLU A 90 8.85 5.34 2.43
CA GLU A 90 10.05 6.05 2.85
C GLU A 90 11.06 6.03 1.73
N ASP A 91 11.65 7.18 1.43
CA ASP A 91 12.59 7.29 0.34
C ASP A 91 13.65 8.33 0.64
N SER A 92 14.85 8.12 0.10
CA SER A 92 15.97 9.03 0.30
C SER A 92 15.56 10.49 0.09
N GLU A 93 14.86 10.71 -1.00
CA GLU A 93 14.61 12.02 -1.51
C GLU A 93 13.41 12.69 -0.83
N LEU A 94 12.69 11.98 0.04
CA LEU A 94 11.54 12.60 0.70
C LEU A 94 11.94 13.22 2.03
N PRO A 95 11.21 14.27 2.42
CA PRO A 95 11.44 15.01 3.67
C PRO A 95 10.87 14.29 4.89
N THR A 96 9.74 13.63 4.69
CA THR A 96 9.07 12.88 5.72
C THR A 96 8.36 11.68 5.11
N PRO A 97 8.19 10.59 5.88
CA PRO A 97 7.53 9.38 5.40
C PRO A 97 6.09 9.66 5.00
N VAL A 98 5.63 8.97 3.97
CA VAL A 98 4.28 9.18 3.45
C VAL A 98 3.42 7.99 3.83
N LYS A 99 2.59 8.17 4.83
CA LYS A 99 1.82 7.07 5.35
C LYS A 99 0.34 7.20 4.99
N ALA A 100 -0.34 6.07 4.85
CA ALA A 100 -1.76 6.06 4.51
C ALA A 100 -2.43 4.82 5.07
N SER A 101 -3.51 4.99 5.79
CA SER A 101 -4.13 3.88 6.50
C SER A 101 -5.48 3.53 5.88
N ILE A 102 -5.90 2.29 6.12
CA ILE A 102 -7.15 1.79 5.62
C ILE A 102 -8.01 1.32 6.80
N ARG A 103 -9.31 1.43 6.65
CA ARG A 103 -10.23 1.00 7.67
C ARG A 103 -11.31 0.14 7.05
N LYS A 104 -11.86 -0.79 7.82
CA LYS A 104 -12.86 -1.69 7.30
C LYS A 104 -14.20 -1.00 7.14
N ALA A 105 -14.85 -1.30 6.04
CA ALA A 105 -16.21 -0.87 5.81
C ALA A 105 -16.94 -1.96 5.08
N MET A 1 10.73 24.31 -8.66
CA MET A 1 10.77 24.58 -10.12
C MET A 1 10.09 23.47 -10.89
N GLY A 2 10.52 22.23 -10.65
CA GLY A 2 9.93 21.11 -11.33
C GLY A 2 8.79 20.50 -10.53
N ARG A 3 8.02 19.64 -11.18
CA ARG A 3 6.90 18.98 -10.52
C ARG A 3 7.04 17.47 -10.62
N GLN A 4 8.29 17.02 -10.52
CA GLN A 4 8.62 15.60 -10.55
C GLN A 4 8.00 14.89 -9.35
N THR A 5 7.84 15.63 -8.28
CA THR A 5 7.38 15.07 -7.03
C THR A 5 5.87 15.01 -6.99
N ASP A 6 5.39 13.90 -7.47
CA ASP A 6 4.06 13.45 -7.18
C ASP A 6 4.19 12.16 -6.44
N ILE A 7 3.76 12.17 -5.23
CA ILE A 7 3.62 10.95 -4.46
C ILE A 7 2.14 10.71 -4.19
N SER A 8 1.62 9.73 -4.86
CA SER A 8 0.21 9.43 -4.80
C SER A 8 -0.02 8.01 -4.29
N VAL A 9 -0.64 7.91 -3.14
CA VAL A 9 -0.89 6.62 -2.52
C VAL A 9 -2.34 6.22 -2.70
N SER A 10 -2.57 5.17 -3.46
CA SER A 10 -3.91 4.65 -3.63
C SER A 10 -4.02 3.38 -2.83
N LEU A 11 -4.76 3.44 -1.76
CA LEU A 11 -4.89 2.37 -0.84
C LEU A 11 -6.22 1.68 -1.07
N LEU A 12 -6.16 0.42 -1.46
CA LEU A 12 -7.34 -0.29 -1.91
C LEU A 12 -7.68 -1.41 -0.93
N LYS A 13 -8.90 -1.37 -0.44
CA LYS A 13 -9.42 -2.42 0.39
C LYS A 13 -10.03 -3.50 -0.49
N PRO A 14 -10.05 -4.75 -0.01
CA PRO A 14 -10.59 -5.87 -0.79
C PRO A 14 -12.08 -5.72 -1.04
N PRO A 15 -12.48 -5.71 -2.31
CA PRO A 15 -13.88 -5.53 -2.72
C PRO A 15 -14.80 -6.56 -2.08
N PHE A 16 -15.78 -6.09 -1.34
CA PHE A 16 -16.71 -6.96 -0.64
C PHE A 16 -17.75 -7.50 -1.61
N GLU A 17 -17.38 -8.53 -2.33
CA GLU A 17 -18.27 -9.14 -3.32
C GLU A 17 -19.15 -10.20 -2.68
N GLU A 18 -20.45 -9.93 -2.64
CA GLU A 18 -21.43 -10.83 -2.03
C GLU A 18 -21.16 -10.98 -0.53
N ILE A 19 -21.77 -11.98 0.07
CA ILE A 19 -21.57 -12.25 1.50
C ILE A 19 -20.31 -13.07 1.70
N TRP A 20 -20.12 -14.06 0.83
CA TRP A 20 -19.03 -15.01 0.98
C TRP A 20 -17.79 -14.55 0.24
N THR A 21 -16.68 -14.50 0.95
CA THR A 21 -15.39 -14.22 0.34
C THR A 21 -14.88 -15.47 -0.36
N GLN A 22 -14.78 -15.40 -1.68
CA GLN A 22 -14.36 -16.54 -2.48
C GLN A 22 -12.85 -16.72 -2.39
N GLN A 23 -12.17 -15.62 -2.10
CA GLN A 23 -10.74 -15.64 -1.88
C GLN A 23 -10.41 -14.93 -0.58
N THR A 24 -9.19 -14.44 -0.44
CA THR A 24 -8.76 -13.84 0.81
C THR A 24 -8.96 -12.33 0.81
N ALA A 25 -8.66 -11.73 1.95
CA ALA A 25 -8.95 -10.33 2.22
C ALA A 25 -7.75 -9.43 1.93
N THR A 26 -6.88 -9.87 1.02
CA THR A 26 -5.57 -9.25 0.84
C THR A 26 -5.69 -7.78 0.46
N ILE A 27 -4.91 -6.95 1.16
CA ILE A 27 -4.96 -5.49 1.00
C ILE A 27 -4.00 -5.06 -0.08
N VAL A 28 -4.27 -3.95 -0.74
CA VAL A 28 -3.36 -3.47 -1.77
C VAL A 28 -3.08 -1.98 -1.63
N CYS A 29 -1.80 -1.62 -1.70
CA CYS A 29 -1.36 -0.24 -1.72
C CYS A 29 -0.58 0.03 -3.00
N GLU A 30 -1.13 0.89 -3.84
CA GLU A 30 -0.46 1.28 -5.07
C GLU A 30 0.07 2.69 -4.95
N ILE A 31 1.33 2.88 -5.23
CA ILE A 31 1.95 4.18 -5.07
C ILE A 31 2.55 4.67 -6.38
N VAL A 32 2.25 5.92 -6.69
CA VAL A 32 2.72 6.56 -7.89
C VAL A 32 3.72 7.66 -7.55
N TYR A 33 4.87 7.65 -8.20
CA TYR A 33 5.91 8.64 -7.97
C TYR A 33 6.90 8.68 -9.11
N SER A 34 7.70 9.74 -9.15
CA SER A 34 8.68 9.92 -10.21
C SER A 34 9.97 10.47 -9.63
N ASP A 35 11.10 10.13 -10.28
CA ASP A 35 12.40 10.72 -9.92
C ASP A 35 12.96 10.13 -8.63
N LEU A 36 12.38 9.05 -8.16
CA LEU A 36 12.75 8.46 -6.88
C LEU A 36 13.70 7.28 -7.06
N GLU A 37 14.40 6.99 -5.98
CA GLU A 37 15.27 5.84 -5.92
C GLU A 37 14.48 4.69 -5.35
N ASN A 38 15.02 3.49 -5.34
CA ASN A 38 14.29 2.33 -4.93
C ASN A 38 13.71 2.56 -3.55
N ILE A 39 12.42 2.59 -3.58
CA ILE A 39 11.56 2.86 -2.45
C ILE A 39 11.45 1.69 -1.48
N LYS A 40 11.32 2.03 -0.21
CA LYS A 40 11.04 1.07 0.85
C LYS A 40 9.57 1.20 1.26
N VAL A 41 8.84 0.09 1.25
CA VAL A 41 7.41 0.12 1.60
C VAL A 41 7.19 -0.50 2.98
N PHE A 42 6.29 0.09 3.75
CA PHE A 42 6.02 -0.39 5.10
C PHE A 42 4.51 -0.49 5.37
N TRP A 43 4.14 -1.51 6.14
CA TRP A 43 2.75 -1.68 6.56
C TRP A 43 2.70 -1.82 8.08
N GLN A 44 1.71 -1.22 8.74
CA GLN A 44 1.58 -1.37 10.18
C GLN A 44 0.18 -1.83 10.57
N VAL A 45 0.09 -2.85 11.42
CA VAL A 45 -1.20 -3.34 11.89
C VAL A 45 -1.31 -3.16 13.41
N ASN A 46 -2.25 -2.33 13.83
CA ASN A 46 -2.50 -2.11 15.25
C ASN A 46 -1.25 -1.61 15.97
N GLY A 47 -0.48 -0.79 15.28
CA GLY A 47 0.74 -0.26 15.87
C GLY A 47 1.91 -1.23 15.78
N VAL A 48 1.62 -2.49 15.50
CA VAL A 48 2.67 -3.51 15.39
C VAL A 48 3.06 -3.73 13.93
N GLU A 49 4.35 -3.85 13.68
CA GLU A 49 4.85 -4.15 12.34
C GLU A 49 4.28 -5.47 11.84
N ARG A 50 3.86 -5.48 10.59
CA ARG A 50 3.27 -6.67 10.02
C ARG A 50 4.35 -7.51 9.35
N LYS A 51 4.44 -8.76 9.81
CA LYS A 51 5.38 -9.73 9.26
C LYS A 51 5.12 -10.00 7.80
N LYS A 52 6.11 -10.58 7.13
CA LYS A 52 6.03 -10.94 5.72
C LYS A 52 4.70 -11.58 5.32
N GLY A 53 4.48 -11.61 4.01
CA GLY A 53 3.15 -11.67 3.46
C GLY A 53 2.90 -10.37 2.71
N VAL A 54 3.92 -9.55 2.76
CA VAL A 54 3.96 -8.30 2.03
C VAL A 54 4.55 -8.57 0.66
N GLU A 55 3.91 -8.07 -0.38
CA GLU A 55 4.31 -8.42 -1.74
C GLU A 55 4.56 -7.17 -2.55
N THR A 56 5.82 -6.91 -2.86
CA THR A 56 6.19 -5.77 -3.67
C THR A 56 6.31 -6.20 -5.12
N GLN A 57 5.48 -5.65 -6.00
CA GLN A 57 5.47 -6.04 -7.39
C GLN A 57 6.24 -5.03 -8.23
N ASN A 58 6.54 -5.42 -9.46
CA ASN A 58 7.36 -4.61 -10.34
C ASN A 58 6.63 -3.35 -10.80
N PRO A 59 7.36 -2.24 -10.74
CA PRO A 59 6.90 -0.92 -11.16
C PRO A 59 6.38 -0.90 -12.59
N GLU A 60 5.24 -0.27 -12.82
CA GLU A 60 4.74 -0.14 -14.17
C GLU A 60 3.85 1.09 -14.30
N TRP A 61 4.36 2.12 -14.95
CA TRP A 61 3.54 3.25 -15.39
C TRP A 61 4.01 3.68 -16.77
N SER A 62 3.20 4.45 -17.48
CA SER A 62 3.67 5.16 -18.66
C SER A 62 4.98 5.86 -18.33
N GLY A 63 5.91 5.86 -19.28
CA GLY A 63 7.29 6.28 -19.04
C GLY A 63 7.48 7.77 -18.73
N SER A 64 6.52 8.37 -18.05
CA SER A 64 6.69 9.71 -17.53
C SER A 64 6.72 9.68 -16.00
N LYS A 65 6.09 8.65 -15.43
CA LYS A 65 6.03 8.46 -13.98
C LYS A 65 6.14 6.97 -13.68
N SER A 66 6.43 6.61 -12.44
CA SER A 66 6.51 5.21 -12.05
C SER A 66 5.39 4.83 -11.10
N THR A 67 5.02 3.55 -11.08
CA THR A 67 4.01 3.06 -10.17
C THR A 67 4.41 1.74 -9.55
N ILE A 68 4.44 1.72 -8.23
CA ILE A 68 4.81 0.55 -7.47
C ILE A 68 3.59 -0.03 -6.79
N VAL A 69 3.41 -1.33 -6.90
CA VAL A 69 2.27 -2.01 -6.28
C VAL A 69 2.74 -2.87 -5.11
N SER A 70 2.20 -2.60 -3.94
CA SER A 70 2.50 -3.38 -2.76
C SER A 70 1.23 -4.02 -2.24
N LYS A 71 1.24 -5.34 -2.14
CA LYS A 71 0.09 -6.06 -1.61
C LYS A 71 0.38 -6.55 -0.21
N LEU A 72 -0.68 -6.75 0.55
CA LEU A 72 -0.57 -7.42 1.83
C LEU A 72 -1.42 -8.66 1.83
N LYS A 73 -0.79 -9.80 1.98
CA LYS A 73 -1.49 -11.05 2.06
C LYS A 73 -1.91 -11.25 3.51
N VAL A 74 -3.20 -11.20 3.74
CA VAL A 74 -3.70 -11.08 5.09
C VAL A 74 -4.83 -12.06 5.33
N MET A 75 -5.02 -12.39 6.59
CA MET A 75 -6.01 -13.36 6.99
C MET A 75 -7.38 -12.71 7.01
N ALA A 76 -8.36 -13.34 6.38
CA ALA A 76 -9.70 -12.79 6.27
C ALA A 76 -10.22 -12.30 7.62
N SER A 77 -10.18 -13.16 8.64
CA SER A 77 -10.65 -12.82 9.99
C SER A 77 -9.93 -11.60 10.56
N GLU A 78 -8.65 -11.44 10.21
CA GLU A 78 -7.87 -10.29 10.69
C GLU A 78 -8.47 -9.02 10.08
N TRP A 79 -8.55 -9.03 8.76
CA TRP A 79 -9.09 -7.88 8.06
C TRP A 79 -10.51 -7.59 8.51
N ASP A 80 -11.33 -8.62 8.53
CA ASP A 80 -12.76 -8.48 8.83
C ASP A 80 -12.97 -8.13 10.31
N SER A 81 -11.89 -8.14 11.08
CA SER A 81 -11.96 -7.74 12.48
C SER A 81 -11.93 -6.23 12.59
N GLY A 82 -11.72 -5.56 11.46
CA GLY A 82 -11.60 -4.12 11.45
C GLY A 82 -10.21 -3.68 11.82
N THR A 83 -9.26 -4.60 11.67
CA THR A 83 -7.87 -4.34 12.03
C THR A 83 -7.29 -3.22 11.15
N GLU A 84 -6.41 -2.43 11.74
CA GLU A 84 -5.86 -1.28 11.04
C GLU A 84 -4.70 -1.69 10.13
N TYR A 85 -4.73 -1.13 8.94
CA TYR A 85 -3.66 -1.37 7.97
C TYR A 85 -3.23 -0.07 7.34
N VAL A 86 -1.96 0.24 7.42
CA VAL A 86 -1.46 1.48 6.84
C VAL A 86 -0.20 1.23 6.02
N CYS A 87 -0.13 1.95 4.92
CA CYS A 87 0.95 1.79 3.98
C CYS A 87 1.82 3.04 3.98
N LEU A 88 3.11 2.86 4.21
CA LEU A 88 4.07 3.95 4.20
C LEU A 88 5.05 3.78 3.06
N VAL A 89 5.52 4.89 2.50
CA VAL A 89 6.56 4.90 1.49
C VAL A 89 7.68 5.83 1.91
N GLU A 90 8.91 5.34 1.82
CA GLU A 90 10.08 6.14 2.17
C GLU A 90 11.18 5.96 1.12
N ASP A 91 11.78 7.07 0.71
CA ASP A 91 12.80 7.05 -0.32
C ASP A 91 13.84 8.14 -0.05
N SER A 92 15.06 7.89 -0.50
CA SER A 92 16.18 8.79 -0.25
C SER A 92 16.04 10.13 -0.97
N GLU A 93 15.05 10.27 -1.85
CA GLU A 93 14.83 11.52 -2.56
C GLU A 93 13.71 12.33 -1.93
N LEU A 94 13.06 11.77 -0.92
CA LEU A 94 11.94 12.46 -0.30
C LEU A 94 12.33 12.96 1.10
N PRO A 95 11.59 13.97 1.59
CA PRO A 95 11.88 14.68 2.82
C PRO A 95 11.19 14.06 4.04
N THR A 96 10.00 13.53 3.83
CA THR A 96 9.22 12.90 4.87
C THR A 96 8.52 11.67 4.32
N PRO A 97 8.36 10.61 5.12
CA PRO A 97 7.68 9.40 4.68
C PRO A 97 6.20 9.65 4.49
N VAL A 98 5.61 8.94 3.54
CA VAL A 98 4.22 9.14 3.18
C VAL A 98 3.42 7.93 3.63
N LYS A 99 2.23 8.16 4.16
CA LYS A 99 1.45 7.06 4.71
C LYS A 99 -0.05 7.23 4.48
N ALA A 100 -0.74 6.10 4.53
CA ALA A 100 -2.19 6.07 4.40
C ALA A 100 -2.72 4.80 5.01
N SER A 101 -3.80 4.95 5.74
CA SER A 101 -4.35 3.87 6.52
C SER A 101 -5.73 3.50 5.98
N ILE A 102 -6.09 2.23 6.13
CA ILE A 102 -7.32 1.70 5.58
C ILE A 102 -8.16 1.11 6.70
N ARG A 103 -9.47 1.08 6.51
CA ARG A 103 -10.37 0.53 7.49
C ARG A 103 -11.23 -0.54 6.84
N LYS A 104 -11.75 -1.45 7.64
CA LYS A 104 -12.48 -2.59 7.13
C LYS A 104 -13.89 -2.20 6.74
N ALA A 105 -14.23 -2.44 5.49
CA ALA A 105 -15.58 -2.26 5.00
C ALA A 105 -15.89 -3.39 4.03
N MET A 1 1.06 20.55 -11.18
CA MET A 1 0.88 19.57 -10.08
C MET A 1 1.81 18.38 -10.26
N GLY A 2 2.23 17.80 -9.14
CA GLY A 2 3.09 16.64 -9.18
C GLY A 2 4.47 16.93 -9.75
N ARG A 3 5.11 17.96 -9.22
CA ARG A 3 6.45 18.33 -9.68
C ARG A 3 7.47 18.04 -8.59
N GLN A 4 8.73 17.85 -9.00
CA GLN A 4 9.80 17.46 -8.09
C GLN A 4 9.50 16.10 -7.45
N THR A 5 8.78 16.13 -6.35
CA THR A 5 8.46 14.94 -5.61
C THR A 5 6.97 14.69 -5.63
N ASP A 6 6.55 13.85 -6.54
CA ASP A 6 5.17 13.47 -6.64
C ASP A 6 5.04 12.01 -6.28
N ILE A 7 4.25 11.76 -5.26
CA ILE A 7 3.97 10.42 -4.79
C ILE A 7 2.52 10.31 -4.34
N SER A 8 1.84 9.30 -4.84
CA SER A 8 0.44 9.11 -4.54
C SER A 8 0.25 7.74 -3.89
N VAL A 9 -0.30 7.75 -2.68
CA VAL A 9 -0.49 6.52 -1.93
C VAL A 9 -1.98 6.30 -1.63
N SER A 10 -2.51 5.16 -2.04
CA SER A 10 -3.91 4.83 -1.77
C SER A 10 -4.08 3.33 -1.57
N LEU A 11 -5.01 2.96 -0.71
CA LEU A 11 -5.29 1.56 -0.42
C LEU A 11 -6.46 1.05 -1.24
N LEU A 12 -6.38 -0.20 -1.64
CA LEU A 12 -7.48 -0.90 -2.25
C LEU A 12 -7.90 -2.03 -1.32
N LYS A 13 -9.14 -1.97 -0.85
CA LYS A 13 -9.62 -2.96 0.09
C LYS A 13 -10.30 -4.11 -0.64
N PRO A 14 -10.33 -5.29 -0.01
CA PRO A 14 -11.01 -6.46 -0.56
C PRO A 14 -12.52 -6.39 -0.33
N PRO A 15 -13.31 -6.64 -1.37
CA PRO A 15 -14.78 -6.64 -1.26
C PRO A 15 -15.32 -7.86 -0.53
N PHE A 16 -16.63 -7.91 -0.35
CA PHE A 16 -17.29 -9.01 0.35
C PHE A 16 -16.89 -9.05 1.82
N GLU A 17 -16.93 -7.90 2.45
CA GLU A 17 -16.76 -7.79 3.89
C GLU A 17 -17.92 -7.01 4.49
N GLU A 18 -18.69 -6.36 3.62
CA GLU A 18 -19.79 -5.51 4.03
C GLU A 18 -20.95 -6.33 4.59
N ILE A 19 -21.74 -6.89 3.70
CA ILE A 19 -22.89 -7.70 4.10
C ILE A 19 -22.56 -9.20 3.99
N TRP A 20 -22.17 -9.60 2.79
CA TRP A 20 -21.81 -10.99 2.54
C TRP A 20 -20.30 -11.14 2.50
N THR A 21 -19.80 -12.17 3.17
CA THR A 21 -18.37 -12.37 3.28
C THR A 21 -17.85 -13.42 2.29
N GLN A 22 -16.58 -13.32 1.94
CA GLN A 22 -15.94 -14.29 1.07
C GLN A 22 -14.44 -14.37 1.41
N GLN A 23 -14.16 -14.53 2.70
CA GLN A 23 -12.80 -14.66 3.23
C GLN A 23 -11.92 -13.46 2.86
N THR A 24 -10.64 -13.74 2.69
CA THR A 24 -9.66 -12.70 2.44
C THR A 24 -9.01 -12.91 1.07
N ALA A 25 -8.63 -11.83 0.40
CA ALA A 25 -7.85 -11.96 -0.83
C ALA A 25 -6.56 -11.14 -0.78
N THR A 26 -6.66 -9.85 -0.48
CA THR A 26 -5.49 -9.01 -0.35
C THR A 26 -5.82 -7.64 0.24
N ILE A 27 -4.81 -6.96 0.77
CA ILE A 27 -4.88 -5.53 1.07
C ILE A 27 -3.85 -4.81 0.21
N VAL A 28 -4.26 -3.92 -0.66
CA VAL A 28 -3.32 -3.37 -1.63
C VAL A 28 -3.04 -1.89 -1.38
N CYS A 29 -1.77 -1.54 -1.44
CA CYS A 29 -1.34 -0.15 -1.43
C CYS A 29 -0.76 0.21 -2.78
N GLU A 30 -1.42 1.10 -3.48
CA GLU A 30 -0.95 1.55 -4.77
C GLU A 30 -0.17 2.83 -4.60
N ILE A 31 1.06 2.85 -5.08
CA ILE A 31 1.88 4.04 -5.05
C ILE A 31 2.35 4.42 -6.43
N VAL A 32 2.05 5.66 -6.80
CA VAL A 32 2.48 6.24 -8.05
C VAL A 32 3.45 7.37 -7.76
N TYR A 33 4.60 7.36 -8.41
CA TYR A 33 5.61 8.37 -8.12
C TYR A 33 6.42 8.71 -9.35
N SER A 34 7.14 9.81 -9.26
CA SER A 34 8.12 10.18 -10.24
C SER A 34 9.31 10.85 -9.55
N ASP A 35 10.53 10.59 -10.04
CA ASP A 35 11.72 11.31 -9.58
C ASP A 35 12.25 10.76 -8.25
N LEU A 36 11.72 9.63 -7.80
CA LEU A 36 12.09 9.09 -6.50
C LEU A 36 13.24 8.07 -6.60
N GLU A 37 13.87 7.84 -5.47
CA GLU A 37 14.93 6.85 -5.35
C GLU A 37 14.34 5.60 -4.72
N ASN A 38 15.13 4.52 -4.66
CA ASN A 38 14.61 3.24 -4.26
C ASN A 38 13.93 3.36 -2.94
N ILE A 39 12.65 3.22 -3.06
CA ILE A 39 11.69 3.39 -1.99
C ILE A 39 11.64 2.21 -1.03
N LYS A 40 11.46 2.52 0.24
CA LYS A 40 11.23 1.52 1.27
C LYS A 40 9.75 1.55 1.65
N VAL A 41 9.09 0.42 1.54
CA VAL A 41 7.67 0.32 1.83
C VAL A 41 7.45 -0.23 3.23
N PHE A 42 6.50 0.33 3.95
CA PHE A 42 6.22 -0.10 5.31
C PHE A 42 4.71 -0.28 5.52
N TRP A 43 4.36 -1.34 6.24
CA TRP A 43 2.97 -1.59 6.62
C TRP A 43 2.90 -1.74 8.13
N GLN A 44 1.91 -1.16 8.76
CA GLN A 44 1.74 -1.32 10.20
C GLN A 44 0.33 -1.78 10.51
N VAL A 45 0.23 -2.84 11.31
CA VAL A 45 -1.06 -3.41 11.66
C VAL A 45 -1.27 -3.38 13.16
N ASN A 46 -2.26 -2.63 13.61
CA ASN A 46 -2.57 -2.52 15.04
C ASN A 46 -1.36 -2.08 15.86
N GLY A 47 -0.57 -1.19 15.28
CA GLY A 47 0.59 -0.66 15.97
C GLY A 47 1.82 -1.54 15.84
N VAL A 48 1.65 -2.79 15.44
CA VAL A 48 2.78 -3.69 15.29
C VAL A 48 3.14 -3.88 13.83
N GLU A 49 4.43 -3.97 13.55
CA GLU A 49 4.92 -4.23 12.21
C GLU A 49 4.41 -5.57 11.70
N ARG A 50 4.01 -5.60 10.44
CA ARG A 50 3.40 -6.79 9.88
C ARG A 50 4.48 -7.66 9.24
N LYS A 51 4.52 -8.91 9.70
CA LYS A 51 5.45 -9.91 9.19
C LYS A 51 5.22 -10.15 7.70
N LYS A 52 6.21 -10.77 7.04
CA LYS A 52 6.17 -11.04 5.60
C LYS A 52 4.79 -11.54 5.13
N GLY A 53 4.60 -11.48 3.82
CA GLY A 53 3.27 -11.47 3.26
C GLY A 53 3.05 -10.14 2.59
N VAL A 54 4.08 -9.31 2.68
CA VAL A 54 4.16 -8.07 1.94
C VAL A 54 4.82 -8.35 0.59
N GLU A 55 4.19 -7.90 -0.48
CA GLU A 55 4.61 -8.29 -1.80
C GLU A 55 4.49 -7.12 -2.76
N THR A 56 5.64 -6.61 -3.19
CA THR A 56 5.66 -5.50 -4.13
C THR A 56 5.80 -6.02 -5.55
N GLN A 57 5.00 -5.48 -6.45
CA GLN A 57 5.02 -5.88 -7.84
C GLN A 57 6.01 -5.03 -8.60
N ASN A 58 6.61 -5.60 -9.63
CA ASN A 58 7.62 -4.91 -10.42
C ASN A 58 7.04 -3.63 -11.01
N PRO A 59 7.87 -2.58 -11.12
CA PRO A 59 7.46 -1.24 -11.55
C PRO A 59 6.80 -1.23 -12.92
N GLU A 60 5.72 -0.48 -13.04
CA GLU A 60 5.04 -0.29 -14.31
C GLU A 60 5.31 1.12 -14.79
N TRP A 61 5.75 1.26 -16.02
CA TRP A 61 6.19 2.57 -16.52
C TRP A 61 5.20 3.14 -17.52
N SER A 62 4.68 4.32 -17.20
CA SER A 62 3.83 5.05 -18.12
C SER A 62 4.40 6.45 -18.33
N GLY A 63 5.05 6.65 -19.47
CA GLY A 63 5.70 7.91 -19.74
C GLY A 63 6.86 8.15 -18.79
N SER A 64 6.71 9.15 -17.94
CA SER A 64 7.72 9.45 -16.93
C SER A 64 7.20 9.13 -15.53
N LYS A 65 6.00 8.55 -15.48
CA LYS A 65 5.37 8.21 -14.21
C LYS A 65 5.60 6.74 -13.89
N SER A 66 6.04 6.47 -12.68
CA SER A 66 6.29 5.12 -12.24
C SER A 66 5.15 4.63 -11.36
N THR A 67 4.86 3.35 -11.43
CA THR A 67 3.79 2.78 -10.63
C THR A 67 4.24 1.49 -9.97
N ILE A 68 4.20 1.49 -8.65
CA ILE A 68 4.54 0.32 -7.85
C ILE A 68 3.30 -0.15 -7.09
N VAL A 69 2.98 -1.42 -7.23
CA VAL A 69 1.84 -1.97 -6.54
C VAL A 69 2.33 -2.83 -5.38
N SER A 70 1.92 -2.50 -4.17
CA SER A 70 2.30 -3.25 -3.00
C SER A 70 1.09 -3.96 -2.42
N LYS A 71 1.08 -5.28 -2.49
CA LYS A 71 -0.03 -6.06 -2.00
C LYS A 71 0.33 -6.74 -0.69
N LEU A 72 -0.62 -6.75 0.22
CA LEU A 72 -0.42 -7.38 1.52
C LEU A 72 -1.33 -8.59 1.64
N LYS A 73 -0.75 -9.71 1.98
CA LYS A 73 -1.50 -10.93 2.19
C LYS A 73 -1.96 -10.96 3.64
N VAL A 74 -3.27 -10.94 3.86
CA VAL A 74 -3.82 -10.80 5.21
C VAL A 74 -4.88 -11.85 5.46
N MET A 75 -5.12 -12.14 6.74
CA MET A 75 -6.13 -13.11 7.12
C MET A 75 -7.52 -12.47 7.14
N ALA A 76 -8.51 -13.16 6.57
CA ALA A 76 -9.88 -12.65 6.54
C ALA A 76 -10.32 -12.12 7.90
N SER A 77 -10.23 -12.95 8.94
CA SER A 77 -10.66 -12.58 10.28
C SER A 77 -9.93 -11.32 10.77
N GLU A 78 -8.70 -11.09 10.31
CA GLU A 78 -8.00 -9.86 10.65
C GLU A 78 -8.74 -8.70 10.03
N TRP A 79 -8.95 -8.81 8.72
CA TRP A 79 -9.64 -7.76 7.98
C TRP A 79 -11.03 -7.52 8.54
N ASP A 80 -11.74 -8.61 8.82
CA ASP A 80 -13.10 -8.54 9.33
C ASP A 80 -13.11 -8.00 10.76
N SER A 81 -11.96 -8.07 11.43
CA SER A 81 -11.84 -7.59 12.79
C SER A 81 -11.66 -6.07 12.77
N GLY A 82 -11.53 -5.52 11.56
CA GLY A 82 -11.37 -4.09 11.41
C GLY A 82 -9.99 -3.64 11.82
N THR A 83 -9.02 -4.54 11.72
CA THR A 83 -7.65 -4.23 12.09
C THR A 83 -7.08 -3.15 11.18
N GLU A 84 -6.25 -2.32 11.76
CA GLU A 84 -5.70 -1.16 11.07
C GLU A 84 -4.61 -1.58 10.09
N TYR A 85 -4.67 -1.04 8.89
CA TYR A 85 -3.58 -1.20 7.94
C TYR A 85 -3.14 0.15 7.46
N VAL A 86 -1.90 0.51 7.72
CA VAL A 86 -1.37 1.76 7.25
C VAL A 86 -0.18 1.49 6.34
N CYS A 87 -0.17 2.16 5.22
CA CYS A 87 0.89 2.00 4.25
C CYS A 87 1.75 3.25 4.26
N LEU A 88 2.99 3.09 4.64
CA LEU A 88 3.95 4.18 4.67
C LEU A 88 4.99 4.00 3.59
N VAL A 89 5.43 5.09 3.02
CA VAL A 89 6.48 5.11 2.03
C VAL A 89 7.57 6.07 2.46
N GLU A 90 8.81 5.62 2.41
CA GLU A 90 9.94 6.45 2.78
C GLU A 90 11.01 6.38 1.71
N ASP A 91 11.58 7.52 1.38
CA ASP A 91 12.64 7.62 0.38
C ASP A 91 13.56 8.78 0.73
N SER A 92 14.80 8.69 0.29
CA SER A 92 15.84 9.63 0.66
C SER A 92 15.59 11.03 0.09
N GLU A 93 14.59 11.18 -0.78
CA GLU A 93 14.28 12.48 -1.38
C GLU A 93 13.09 13.15 -0.69
N LEU A 94 12.40 12.44 0.19
CA LEU A 94 11.20 13.01 0.80
C LEU A 94 11.49 13.59 2.17
N PRO A 95 10.74 14.64 2.53
CA PRO A 95 10.90 15.37 3.78
C PRO A 95 10.26 14.66 4.98
N THR A 96 9.17 13.96 4.72
CA THR A 96 8.44 13.24 5.75
C THR A 96 7.87 11.96 5.16
N PRO A 97 7.65 10.93 6.00
CA PRO A 97 7.10 9.66 5.54
C PRO A 97 5.65 9.83 5.08
N VAL A 98 5.32 9.16 3.99
CA VAL A 98 4.01 9.30 3.39
C VAL A 98 3.16 8.10 3.77
N LYS A 99 2.01 8.34 4.36
CA LYS A 99 1.20 7.24 4.84
C LYS A 99 -0.27 7.39 4.46
N ALA A 100 -0.94 6.25 4.43
CA ALA A 100 -2.36 6.18 4.17
C ALA A 100 -2.90 4.94 4.84
N SER A 101 -4.06 5.04 5.46
CA SER A 101 -4.59 3.93 6.24
C SER A 101 -5.91 3.42 5.68
N ILE A 102 -6.17 2.15 5.90
CA ILE A 102 -7.41 1.52 5.47
C ILE A 102 -8.10 0.88 6.67
N ARG A 103 -9.41 0.95 6.65
CA ARG A 103 -10.23 0.34 7.70
C ARG A 103 -11.35 -0.43 7.02
N LYS A 104 -11.91 -1.41 7.71
CA LYS A 104 -13.06 -2.11 7.15
C LYS A 104 -14.25 -1.14 7.12
N ALA A 105 -14.56 -0.66 5.93
CA ALA A 105 -15.59 0.36 5.71
C ALA A 105 -15.52 0.82 4.27
N MET A 1 10.24 24.22 -12.73
CA MET A 1 9.68 22.90 -12.44
C MET A 1 8.20 23.02 -12.11
N GLY A 2 7.40 22.12 -12.67
CA GLY A 2 5.98 22.13 -12.42
C GLY A 2 5.53 20.81 -11.83
N ARG A 3 4.68 20.10 -12.57
CA ARG A 3 4.17 18.82 -12.11
C ARG A 3 5.15 17.69 -12.43
N GLN A 4 6.30 17.72 -11.75
CA GLN A 4 7.31 16.68 -11.92
C GLN A 4 7.11 15.59 -10.89
N THR A 5 6.53 15.96 -9.76
CA THR A 5 6.40 15.06 -8.63
C THR A 5 4.95 14.77 -8.34
N ASP A 6 4.46 13.71 -8.95
CA ASP A 6 3.22 13.16 -8.51
C ASP A 6 3.54 12.04 -7.59
N ILE A 7 3.19 12.22 -6.36
CA ILE A 7 3.15 11.15 -5.39
C ILE A 7 1.71 10.95 -4.94
N SER A 8 1.14 9.86 -5.39
CA SER A 8 -0.24 9.55 -5.08
C SER A 8 -0.35 8.12 -4.61
N VAL A 9 -1.09 7.92 -3.54
CA VAL A 9 -1.25 6.58 -2.97
C VAL A 9 -2.72 6.19 -3.00
N SER A 10 -3.01 5.06 -3.63
CA SER A 10 -4.36 4.55 -3.68
C SER A 10 -4.42 3.19 -3.00
N LEU A 11 -5.27 3.09 -2.02
CA LEU A 11 -5.43 1.85 -1.28
C LEU A 11 -6.65 1.10 -1.81
N LEU A 12 -6.46 -0.14 -2.19
CA LEU A 12 -7.54 -0.95 -2.67
C LEU A 12 -7.92 -1.93 -1.57
N LYS A 13 -9.14 -1.78 -1.07
CA LYS A 13 -9.63 -2.62 0.01
C LYS A 13 -10.36 -3.82 -0.59
N PRO A 14 -10.36 -4.95 0.12
CA PRO A 14 -11.10 -6.13 -0.32
C PRO A 14 -12.60 -5.90 -0.18
N PRO A 15 -13.33 -5.98 -1.30
CA PRO A 15 -14.77 -5.71 -1.34
C PRO A 15 -15.57 -6.84 -0.69
N PHE A 16 -15.21 -7.19 0.54
CA PHE A 16 -15.84 -8.26 1.29
C PHE A 16 -17.33 -7.96 1.50
N GLU A 17 -17.59 -6.80 2.12
CA GLU A 17 -18.96 -6.36 2.45
C GLU A 17 -19.58 -7.29 3.49
N GLU A 18 -19.81 -8.54 3.10
CA GLU A 18 -20.38 -9.56 3.96
C GLU A 18 -20.44 -10.88 3.21
N ILE A 19 -20.87 -10.81 1.96
CA ILE A 19 -21.11 -12.01 1.17
C ILE A 19 -19.97 -12.31 0.19
N TRP A 20 -19.12 -11.32 -0.06
CA TRP A 20 -18.05 -11.49 -1.04
C TRP A 20 -16.76 -11.93 -0.37
N THR A 21 -16.33 -13.14 -0.70
CA THR A 21 -15.06 -13.63 -0.25
C THR A 21 -14.19 -14.03 -1.44
N GLN A 22 -13.10 -13.30 -1.63
CA GLN A 22 -12.18 -13.56 -2.73
C GLN A 22 -10.87 -14.12 -2.19
N GLN A 23 -10.91 -15.37 -1.72
CA GLN A 23 -9.76 -16.08 -1.15
C GLN A 23 -9.33 -15.47 0.17
N THR A 24 -8.80 -14.26 0.14
CA THR A 24 -8.33 -13.61 1.36
C THR A 24 -8.73 -12.14 1.40
N ALA A 25 -8.52 -11.53 2.55
CA ALA A 25 -8.81 -10.13 2.79
C ALA A 25 -7.65 -9.25 2.34
N THR A 26 -6.88 -9.75 1.38
CA THR A 26 -5.61 -9.16 1.01
C THR A 26 -5.75 -7.70 0.59
N ILE A 27 -4.92 -6.85 1.19
CA ILE A 27 -4.97 -5.41 0.97
C ILE A 27 -4.00 -5.03 -0.14
N VAL A 28 -4.32 -4.00 -0.91
CA VAL A 28 -3.40 -3.54 -1.92
C VAL A 28 -3.14 -2.03 -1.80
N CYS A 29 -1.87 -1.67 -1.83
CA CYS A 29 -1.43 -0.29 -1.84
C CYS A 29 -0.74 0.00 -3.17
N GLU A 30 -1.36 0.82 -3.98
CA GLU A 30 -0.79 1.23 -5.25
C GLU A 30 -0.24 2.63 -5.10
N ILE A 31 1.04 2.81 -5.35
CA ILE A 31 1.64 4.11 -5.15
C ILE A 31 2.32 4.60 -6.42
N VAL A 32 2.01 5.82 -6.78
CA VAL A 32 2.52 6.46 -7.98
C VAL A 32 3.48 7.56 -7.60
N TYR A 33 4.66 7.56 -8.23
CA TYR A 33 5.68 8.54 -7.97
C TYR A 33 6.74 8.53 -9.07
N SER A 34 7.50 9.61 -9.15
CA SER A 34 8.54 9.72 -10.17
C SER A 34 9.74 10.43 -9.55
N ASP A 35 10.93 10.18 -10.11
CA ASP A 35 12.16 10.84 -9.66
C ASP A 35 12.75 10.16 -8.44
N LEU A 36 12.23 8.99 -8.07
CA LEU A 36 12.61 8.34 -6.82
C LEU A 36 13.54 7.15 -7.06
N GLU A 37 14.49 6.99 -6.15
CA GLU A 37 15.36 5.84 -6.10
C GLU A 37 14.81 4.85 -5.12
N ASN A 38 15.48 3.73 -4.96
CA ASN A 38 14.83 2.54 -4.47
C ASN A 38 14.15 2.82 -3.16
N ILE A 39 12.87 2.75 -3.30
CA ILE A 39 11.90 3.03 -2.26
C ILE A 39 11.67 1.83 -1.34
N LYS A 40 11.40 2.13 -0.09
CA LYS A 40 11.09 1.11 0.91
C LYS A 40 9.64 1.25 1.33
N VAL A 41 8.94 0.12 1.40
CA VAL A 41 7.52 0.13 1.72
C VAL A 41 7.26 -0.47 3.09
N PHE A 42 6.48 0.23 3.90
CA PHE A 42 6.20 -0.19 5.27
C PHE A 42 4.71 -0.36 5.51
N TRP A 43 4.35 -1.36 6.28
CA TRP A 43 2.96 -1.58 6.67
C TRP A 43 2.91 -1.82 8.17
N GLN A 44 1.94 -1.23 8.85
CA GLN A 44 1.82 -1.40 10.30
C GLN A 44 0.43 -1.92 10.66
N VAL A 45 0.38 -2.96 11.49
CA VAL A 45 -0.88 -3.50 11.96
C VAL A 45 -0.91 -3.49 13.49
N ASN A 46 -1.85 -2.74 14.04
CA ASN A 46 -2.00 -2.63 15.49
C ASN A 46 -0.71 -2.18 16.16
N GLY A 47 0.03 -1.30 15.48
CA GLY A 47 1.24 -0.75 16.05
C GLY A 47 2.45 -1.63 15.85
N VAL A 48 2.25 -2.89 15.50
CA VAL A 48 3.37 -3.82 15.32
C VAL A 48 3.55 -4.18 13.85
N GLU A 49 4.81 -4.36 13.46
CA GLU A 49 5.14 -4.88 12.13
C GLU A 49 4.55 -6.28 11.96
N ARG A 50 3.80 -6.46 10.90
CA ARG A 50 3.17 -7.74 10.69
C ARG A 50 4.08 -8.62 9.85
N LYS A 51 3.77 -9.90 9.82
CA LYS A 51 4.65 -10.89 9.20
C LYS A 51 4.57 -10.82 7.68
N LYS A 52 5.58 -11.41 7.03
CA LYS A 52 5.67 -11.43 5.57
C LYS A 52 4.33 -11.78 4.90
N GLY A 53 4.25 -11.50 3.62
CA GLY A 53 2.98 -11.40 2.95
C GLY A 53 2.83 -9.98 2.48
N VAL A 54 3.77 -9.16 2.96
CA VAL A 54 4.01 -7.84 2.42
C VAL A 54 4.78 -8.01 1.13
N GLU A 55 4.22 -7.56 0.03
CA GLU A 55 4.79 -7.85 -1.27
C GLU A 55 4.84 -6.59 -2.11
N THR A 56 5.87 -6.46 -2.92
CA THR A 56 6.01 -5.32 -3.80
C THR A 56 6.32 -5.79 -5.22
N GLN A 57 5.57 -5.28 -6.19
CA GLN A 57 5.76 -5.67 -7.58
C GLN A 57 6.80 -4.78 -8.23
N ASN A 58 7.38 -5.28 -9.31
CA ASN A 58 8.33 -4.50 -10.10
C ASN A 58 7.66 -3.22 -10.59
N PRO A 59 8.43 -2.14 -10.77
CA PRO A 59 7.91 -0.84 -11.19
C PRO A 59 7.27 -0.86 -12.56
N GLU A 60 6.17 -0.16 -12.71
CA GLU A 60 5.50 0.00 -13.98
C GLU A 60 5.59 1.47 -14.37
N TRP A 61 5.64 1.74 -15.67
CA TRP A 61 5.81 3.12 -16.13
C TRP A 61 4.57 3.64 -16.82
N SER A 62 4.16 4.84 -16.43
CA SER A 62 3.00 5.49 -17.01
C SER A 62 3.32 6.95 -17.31
N GLY A 63 3.53 7.25 -18.58
CA GLY A 63 3.90 8.59 -18.97
C GLY A 63 5.31 8.92 -18.52
N SER A 64 5.42 9.83 -17.57
CA SER A 64 6.71 10.15 -16.97
C SER A 64 6.75 9.65 -15.52
N LYS A 65 5.71 8.92 -15.14
CA LYS A 65 5.54 8.52 -13.76
C LYS A 65 5.84 7.03 -13.58
N SER A 66 6.12 6.65 -12.36
CA SER A 66 6.36 5.25 -12.01
C SER A 66 5.23 4.76 -11.11
N THR A 67 4.97 3.46 -11.16
CA THR A 67 3.94 2.88 -10.33
C THR A 67 4.42 1.58 -9.70
N ILE A 68 4.41 1.57 -8.38
CA ILE A 68 4.78 0.40 -7.61
C ILE A 68 3.54 -0.16 -6.92
N VAL A 69 3.32 -1.45 -7.06
CA VAL A 69 2.17 -2.08 -6.45
C VAL A 69 2.60 -2.92 -5.24
N SER A 70 2.02 -2.61 -4.10
CA SER A 70 2.30 -3.36 -2.89
C SER A 70 1.07 -4.15 -2.47
N LYS A 71 1.23 -5.45 -2.36
CA LYS A 71 0.14 -6.32 -1.96
C LYS A 71 0.38 -6.79 -0.54
N LEU A 72 -0.69 -6.93 0.23
CA LEU A 72 -0.56 -7.46 1.56
C LEU A 72 -1.48 -8.65 1.76
N LYS A 73 -0.87 -9.81 1.97
CA LYS A 73 -1.62 -11.01 2.27
C LYS A 73 -1.91 -11.03 3.76
N VAL A 74 -3.18 -10.94 4.12
CA VAL A 74 -3.58 -10.81 5.51
C VAL A 74 -4.71 -11.77 5.84
N MET A 75 -4.90 -12.03 7.13
CA MET A 75 -5.96 -12.90 7.59
C MET A 75 -7.28 -12.14 7.56
N ALA A 76 -8.27 -12.77 6.92
CA ALA A 76 -9.57 -12.17 6.70
C ALA A 76 -10.25 -11.75 7.98
N SER A 77 -10.18 -12.60 9.01
CA SER A 77 -10.77 -12.30 10.31
C SER A 77 -10.12 -11.08 10.95
N GLU A 78 -8.84 -10.85 10.65
CA GLU A 78 -8.11 -9.69 11.16
C GLU A 78 -8.70 -8.45 10.50
N TRP A 79 -8.76 -8.50 9.18
CA TRP A 79 -9.37 -7.40 8.43
C TRP A 79 -10.82 -7.17 8.89
N ASP A 80 -11.55 -8.25 9.06
CA ASP A 80 -12.95 -8.19 9.48
C ASP A 80 -13.08 -7.63 10.90
N SER A 81 -11.98 -7.63 11.64
CA SER A 81 -11.98 -7.13 13.00
C SER A 81 -11.88 -5.60 13.03
N GLY A 82 -11.71 -5.00 11.85
CA GLY A 82 -11.55 -3.56 11.77
C GLY A 82 -10.13 -3.16 12.11
N THR A 83 -9.23 -4.12 11.97
CA THR A 83 -7.83 -3.94 12.29
C THR A 83 -7.15 -2.94 11.36
N GLU A 84 -6.23 -2.16 11.92
CA GLU A 84 -5.55 -1.10 11.20
C GLU A 84 -4.57 -1.66 10.18
N TYR A 85 -4.65 -1.14 8.98
CA TYR A 85 -3.63 -1.42 7.98
C TYR A 85 -3.19 -0.11 7.36
N VAL A 86 -1.92 0.22 7.55
CA VAL A 86 -1.38 1.46 7.02
C VAL A 86 -0.23 1.17 6.07
N CYS A 87 -0.22 1.85 4.95
CA CYS A 87 0.83 1.68 3.97
C CYS A 87 1.70 2.94 3.96
N LEU A 88 2.99 2.74 4.10
CA LEU A 88 3.93 3.83 4.18
C LEU A 88 4.98 3.73 3.10
N VAL A 89 5.41 4.86 2.60
CA VAL A 89 6.48 4.93 1.62
C VAL A 89 7.61 5.81 2.13
N GLU A 90 8.84 5.33 2.02
CA GLU A 90 10.00 6.09 2.47
C GLU A 90 11.04 6.18 1.35
N ASP A 91 11.57 7.38 1.13
CA ASP A 91 12.63 7.60 0.15
C ASP A 91 13.48 8.81 0.54
N SER A 92 14.74 8.76 0.14
CA SER A 92 15.72 9.76 0.56
C SER A 92 15.42 11.15 0.00
N GLU A 93 14.55 11.26 -1.00
CA GLU A 93 14.22 12.55 -1.59
C GLU A 93 12.95 13.15 -0.99
N LEU A 94 12.25 12.39 -0.15
CA LEU A 94 11.02 12.91 0.43
C LEU A 94 11.28 13.58 1.77
N PRO A 95 10.46 14.59 2.08
CA PRO A 95 10.55 15.36 3.32
C PRO A 95 9.89 14.64 4.49
N THR A 96 8.81 13.93 4.20
CA THR A 96 8.07 13.19 5.21
C THR A 96 7.58 11.88 4.61
N PRO A 97 7.44 10.84 5.43
CA PRO A 97 7.01 9.52 4.95
C PRO A 97 5.56 9.57 4.46
N VAL A 98 5.27 8.82 3.41
CA VAL A 98 3.96 8.86 2.79
C VAL A 98 3.06 7.80 3.41
N LYS A 99 2.11 8.24 4.22
CA LYS A 99 1.28 7.32 4.98
C LYS A 99 -0.13 7.29 4.40
N ALA A 100 -0.75 6.12 4.38
CA ALA A 100 -2.13 5.97 4.00
C ALA A 100 -2.72 4.74 4.66
N SER A 101 -3.76 4.94 5.46
CA SER A 101 -4.37 3.85 6.20
C SER A 101 -5.69 3.45 5.58
N ILE A 102 -6.10 2.21 5.84
CA ILE A 102 -7.30 1.67 5.26
C ILE A 102 -8.25 1.18 6.36
N ARG A 103 -9.53 1.29 6.12
CA ARG A 103 -10.53 0.93 7.11
C ARG A 103 -11.63 0.08 6.48
N LYS A 104 -12.14 -0.87 7.24
CA LYS A 104 -13.25 -1.70 6.78
C LYS A 104 -14.57 -1.01 7.06
N ALA A 105 -15.51 -1.17 6.14
CA ALA A 105 -16.86 -0.68 6.35
C ALA A 105 -17.47 -1.34 7.59
N MET A 1 10.20 25.86 -5.36
CA MET A 1 9.73 26.60 -6.55
C MET A 1 9.79 25.72 -7.80
N GLY A 2 9.90 24.42 -7.59
CA GLY A 2 10.02 23.51 -8.72
C GLY A 2 10.02 22.06 -8.27
N ARG A 3 10.40 21.16 -9.17
CA ARG A 3 10.42 19.72 -8.88
C ARG A 3 9.05 19.27 -8.37
N GLN A 4 8.06 19.27 -9.27
CA GLN A 4 6.69 18.92 -8.91
C GLN A 4 6.65 17.59 -8.16
N THR A 5 6.33 17.68 -6.88
CA THR A 5 6.22 16.52 -6.04
C THR A 5 4.83 15.98 -6.08
N ASP A 6 4.65 15.07 -7.00
CA ASP A 6 3.46 14.30 -6.98
C ASP A 6 3.78 12.98 -6.35
N ILE A 7 3.16 12.79 -5.24
CA ILE A 7 3.19 11.54 -4.54
C ILE A 7 1.76 11.11 -4.22
N SER A 8 1.33 10.02 -4.80
CA SER A 8 -0.04 9.58 -4.67
C SER A 8 -0.09 8.25 -3.95
N VAL A 9 -0.68 8.24 -2.77
CA VAL A 9 -0.79 7.01 -1.99
C VAL A 9 -2.25 6.60 -1.87
N SER A 10 -2.59 5.47 -2.46
CA SER A 10 -3.97 4.99 -2.45
C SER A 10 -4.01 3.53 -2.03
N LEU A 11 -4.89 3.21 -1.12
CA LEU A 11 -5.03 1.85 -0.63
C LEU A 11 -6.19 1.16 -1.32
N LEU A 12 -5.98 -0.07 -1.73
CA LEU A 12 -7.00 -0.83 -2.38
C LEU A 12 -7.45 -1.95 -1.46
N LYS A 13 -8.70 -1.87 -1.05
CA LYS A 13 -9.27 -2.84 -0.13
C LYS A 13 -9.61 -4.12 -0.88
N PRO A 14 -9.57 -5.27 -0.19
CA PRO A 14 -9.89 -6.57 -0.79
C PRO A 14 -11.13 -6.53 -1.72
N PRO A 15 -12.29 -6.00 -1.27
CA PRO A 15 -13.46 -5.84 -2.14
C PRO A 15 -13.25 -4.71 -3.15
N PHE A 16 -12.78 -5.08 -4.34
CA PHE A 16 -12.59 -4.13 -5.44
C PHE A 16 -13.88 -3.36 -5.70
N GLU A 17 -14.99 -4.05 -5.55
CA GLU A 17 -16.30 -3.41 -5.58
C GLU A 17 -16.97 -3.62 -4.23
N GLU A 18 -17.58 -2.57 -3.70
CA GLU A 18 -18.07 -2.56 -2.32
C GLU A 18 -19.29 -3.47 -2.15
N ILE A 19 -19.81 -4.01 -3.24
CA ILE A 19 -20.98 -4.88 -3.18
C ILE A 19 -20.59 -6.31 -2.84
N TRP A 20 -19.32 -6.65 -3.02
CA TRP A 20 -18.86 -8.01 -2.80
C TRP A 20 -18.02 -8.13 -1.54
N THR A 21 -18.55 -8.86 -0.57
CA THR A 21 -17.76 -9.22 0.59
C THR A 21 -17.33 -10.68 0.47
N GLN A 22 -16.05 -10.90 0.32
CA GLN A 22 -15.51 -12.24 0.10
C GLN A 22 -14.40 -12.54 1.10
N GLN A 23 -14.06 -13.81 1.25
CA GLN A 23 -12.96 -14.21 2.12
C GLN A 23 -11.68 -13.52 1.68
N THR A 24 -10.98 -12.95 2.64
CA THR A 24 -9.88 -12.06 2.36
C THR A 24 -8.55 -12.79 2.32
N ALA A 25 -7.78 -12.51 1.28
CA ALA A 25 -6.45 -13.08 1.10
C ALA A 25 -5.40 -12.00 0.91
N THR A 26 -5.82 -10.79 0.56
CA THR A 26 -4.85 -9.74 0.26
C THR A 26 -5.44 -8.33 0.30
N ILE A 27 -4.62 -7.39 0.77
CA ILE A 27 -4.89 -5.96 0.67
C ILE A 27 -3.74 -5.33 -0.13
N VAL A 28 -3.98 -4.23 -0.81
CA VAL A 28 -2.95 -3.65 -1.65
C VAL A 28 -2.79 -2.15 -1.41
N CYS A 29 -1.54 -1.69 -1.30
CA CYS A 29 -1.24 -0.27 -1.28
C CYS A 29 -0.59 0.12 -2.59
N GLU A 30 -1.25 1.00 -3.32
CA GLU A 30 -0.76 1.46 -4.61
C GLU A 30 -0.21 2.86 -4.47
N ILE A 31 1.07 3.03 -4.75
CA ILE A 31 1.71 4.31 -4.62
C ILE A 31 2.30 4.76 -5.95
N VAL A 32 1.99 6.00 -6.30
CA VAL A 32 2.40 6.57 -7.56
C VAL A 32 3.31 7.76 -7.32
N TYR A 33 4.42 7.79 -8.05
CA TYR A 33 5.36 8.89 -8.01
C TYR A 33 6.05 8.95 -9.35
N SER A 34 6.80 9.99 -9.62
CA SER A 34 7.46 10.07 -10.89
C SER A 34 8.94 10.25 -10.71
N ASP A 35 9.71 9.59 -11.57
CA ASP A 35 11.14 9.82 -11.67
C ASP A 35 11.93 9.29 -10.47
N LEU A 36 11.30 8.50 -9.60
CA LEU A 36 11.94 8.00 -8.39
C LEU A 36 12.16 6.50 -8.47
N GLU A 37 13.37 6.07 -8.18
CA GLU A 37 13.53 4.67 -7.83
C GLU A 37 14.62 4.48 -6.79
N ASN A 38 14.22 4.51 -5.54
CA ASN A 38 14.67 3.59 -4.53
C ASN A 38 13.48 3.43 -3.61
N ILE A 39 12.80 2.32 -3.67
CA ILE A 39 11.52 2.23 -2.99
C ILE A 39 11.50 1.23 -1.85
N LYS A 40 11.38 1.76 -0.64
CA LYS A 40 11.18 0.93 0.54
C LYS A 40 9.74 1.08 1.05
N VAL A 41 9.04 -0.04 1.16
CA VAL A 41 7.65 -0.01 1.59
C VAL A 41 7.47 -0.62 2.99
N PHE A 42 6.57 -0.04 3.76
CA PHE A 42 6.29 -0.49 5.11
C PHE A 42 4.80 -0.68 5.33
N TRP A 43 4.42 -1.71 6.10
CA TRP A 43 3.04 -1.94 6.49
C TRP A 43 2.97 -2.13 8.01
N GLN A 44 1.97 -1.53 8.64
CA GLN A 44 1.81 -1.71 10.07
C GLN A 44 0.36 -2.07 10.43
N VAL A 45 0.22 -3.11 11.24
CA VAL A 45 -1.09 -3.54 11.71
C VAL A 45 -1.27 -3.09 13.14
N ASN A 46 -2.14 -2.12 13.35
CA ASN A 46 -2.34 -1.53 14.69
C ASN A 46 -1.01 -1.06 15.25
N GLY A 47 -0.22 -0.43 14.40
CA GLY A 47 1.04 0.13 14.83
C GLY A 47 2.17 -0.89 14.90
N VAL A 48 1.85 -2.19 14.92
CA VAL A 48 2.91 -3.20 14.98
C VAL A 48 3.22 -3.75 13.59
N GLU A 49 4.51 -3.94 13.31
CA GLU A 49 4.96 -4.35 11.99
C GLU A 49 4.33 -5.67 11.57
N ARG A 50 3.97 -5.74 10.30
CA ARG A 50 3.28 -6.89 9.77
C ARG A 50 4.30 -7.88 9.23
N LYS A 51 4.22 -9.10 9.74
CA LYS A 51 5.15 -10.16 9.38
C LYS A 51 4.88 -10.62 7.95
N LYS A 52 5.87 -11.29 7.34
CA LYS A 52 5.87 -11.62 5.91
C LYS A 52 4.52 -12.10 5.38
N GLY A 53 4.41 -12.04 4.06
CA GLY A 53 3.12 -11.99 3.41
C GLY A 53 2.99 -10.64 2.74
N VAL A 54 3.96 -9.79 3.06
CA VAL A 54 4.12 -8.50 2.42
C VAL A 54 5.00 -8.68 1.18
N GLU A 55 4.53 -8.18 0.05
CA GLU A 55 5.23 -8.38 -1.21
C GLU A 55 5.16 -7.12 -2.04
N THR A 56 6.30 -6.47 -2.19
CA THR A 56 6.40 -5.31 -3.03
C THR A 56 6.75 -5.76 -4.44
N GLN A 57 6.02 -5.28 -5.42
CA GLN A 57 6.19 -5.70 -6.79
C GLN A 57 6.91 -4.63 -7.59
N ASN A 58 7.27 -4.95 -8.82
CA ASN A 58 7.99 -4.01 -9.66
C ASN A 58 7.04 -2.95 -10.21
N PRO A 59 7.56 -1.76 -10.51
CA PRO A 59 6.78 -0.61 -11.00
C PRO A 59 6.25 -0.80 -12.41
N GLU A 60 5.10 -0.21 -12.70
CA GLU A 60 4.60 -0.14 -14.07
C GLU A 60 3.68 1.06 -14.23
N TRP A 61 4.14 2.09 -14.90
CA TRP A 61 3.28 3.15 -15.37
C TRP A 61 3.75 3.58 -16.76
N SER A 62 2.91 4.33 -17.47
CA SER A 62 3.35 4.99 -18.68
C SER A 62 4.61 5.80 -18.39
N GLY A 63 5.40 6.03 -19.42
CA GLY A 63 6.76 6.56 -19.26
C GLY A 63 6.85 7.94 -18.60
N SER A 64 5.73 8.53 -18.24
CA SER A 64 5.72 9.84 -17.60
C SER A 64 5.83 9.72 -16.07
N LYS A 65 5.38 8.58 -15.53
CA LYS A 65 5.35 8.37 -14.09
C LYS A 65 5.65 6.90 -13.76
N SER A 66 5.90 6.63 -12.50
CA SER A 66 6.14 5.27 -12.04
C SER A 66 5.07 4.86 -11.02
N THR A 67 4.74 3.59 -10.99
CA THR A 67 3.71 3.09 -10.07
C THR A 67 4.19 1.84 -9.35
N ILE A 68 4.23 1.92 -8.03
CA ILE A 68 4.67 0.81 -7.21
C ILE A 68 3.47 0.21 -6.48
N VAL A 69 3.33 -1.08 -6.61
CA VAL A 69 2.24 -1.80 -5.96
C VAL A 69 2.78 -2.70 -4.86
N SER A 70 2.29 -2.49 -3.65
CA SER A 70 2.68 -3.32 -2.54
C SER A 70 1.49 -4.17 -2.10
N LYS A 71 1.69 -5.47 -2.05
CA LYS A 71 0.62 -6.40 -1.76
C LYS A 71 0.80 -6.98 -0.36
N LEU A 72 -0.30 -7.11 0.38
CA LEU A 72 -0.26 -7.71 1.69
C LEU A 72 -1.17 -8.93 1.72
N LYS A 73 -0.60 -10.07 2.04
CA LYS A 73 -1.39 -11.26 2.29
C LYS A 73 -2.00 -11.16 3.66
N VAL A 74 -3.32 -11.20 3.72
CA VAL A 74 -4.03 -10.93 4.94
C VAL A 74 -5.24 -11.83 5.04
N MET A 75 -5.61 -12.17 6.26
CA MET A 75 -6.69 -13.09 6.50
C MET A 75 -8.02 -12.38 6.60
N ALA A 76 -9.07 -12.98 6.02
CA ALA A 76 -10.40 -12.41 6.05
C ALA A 76 -10.78 -11.88 7.43
N SER A 77 -10.70 -12.70 8.46
CA SER A 77 -11.10 -12.30 9.81
C SER A 77 -10.35 -11.06 10.30
N GLU A 78 -9.07 -10.92 9.91
CA GLU A 78 -8.32 -9.72 10.28
C GLU A 78 -8.99 -8.51 9.63
N TRP A 79 -9.15 -8.64 8.32
CA TRP A 79 -9.77 -7.57 7.54
C TRP A 79 -11.17 -7.26 8.08
N ASP A 80 -11.92 -8.31 8.34
CA ASP A 80 -13.30 -8.20 8.78
C ASP A 80 -13.40 -7.63 10.19
N SER A 81 -12.29 -7.66 10.92
CA SER A 81 -12.26 -7.14 12.28
C SER A 81 -11.97 -5.64 12.26
N GLY A 82 -11.74 -5.10 11.07
CA GLY A 82 -11.46 -3.70 10.94
C GLY A 82 -10.10 -3.33 11.48
N THR A 83 -9.17 -4.27 11.45
CA THR A 83 -7.82 -4.04 11.96
C THR A 83 -7.13 -2.97 11.13
N GLU A 84 -6.34 -2.14 11.81
CA GLU A 84 -5.72 -1.01 11.16
C GLU A 84 -4.55 -1.44 10.30
N TYR A 85 -4.56 -0.96 9.07
CA TYR A 85 -3.46 -1.19 8.15
C TYR A 85 -3.00 0.13 7.58
N VAL A 86 -1.75 0.46 7.80
CA VAL A 86 -1.17 1.67 7.26
C VAL A 86 0.00 1.30 6.36
N CYS A 87 0.06 1.94 5.21
CA CYS A 87 1.13 1.67 4.29
C CYS A 87 2.00 2.90 4.11
N LEU A 88 3.30 2.72 4.27
CA LEU A 88 4.24 3.81 4.12
C LEU A 88 5.22 3.46 3.01
N VAL A 89 5.72 4.47 2.31
CA VAL A 89 6.72 4.24 1.29
C VAL A 89 7.74 5.38 1.24
N GLU A 90 9.00 5.01 1.31
CA GLU A 90 10.08 5.98 1.22
C GLU A 90 10.85 5.83 -0.08
N ASP A 91 11.44 6.92 -0.53
CA ASP A 91 12.32 6.93 -1.68
C ASP A 91 13.46 7.91 -1.39
N SER A 92 14.64 7.62 -1.93
CA SER A 92 15.83 8.43 -1.66
C SER A 92 15.66 9.88 -2.13
N GLU A 93 14.75 10.10 -3.07
CA GLU A 93 14.54 11.44 -3.61
C GLU A 93 13.39 12.18 -2.96
N LEU A 94 12.72 11.55 -2.00
CA LEU A 94 11.66 12.23 -1.28
C LEU A 94 12.16 12.64 0.11
N PRO A 95 11.50 13.63 0.72
CA PRO A 95 11.98 14.30 1.92
C PRO A 95 11.55 13.61 3.21
N THR A 96 10.34 13.06 3.20
CA THR A 96 9.79 12.37 4.37
C THR A 96 8.90 11.22 3.90
N PRO A 97 8.74 10.17 4.72
CA PRO A 97 7.88 9.03 4.38
C PRO A 97 6.43 9.44 4.21
N VAL A 98 5.71 8.70 3.39
CA VAL A 98 4.31 8.99 3.12
C VAL A 98 3.46 7.78 3.48
N LYS A 99 2.24 8.03 3.94
CA LYS A 99 1.42 6.97 4.52
C LYS A 99 -0.01 7.00 4.01
N ALA A 100 -0.70 5.87 4.19
CA ALA A 100 -2.14 5.78 3.97
C ALA A 100 -2.68 4.67 4.87
N SER A 101 -3.85 4.87 5.45
CA SER A 101 -4.44 3.87 6.34
C SER A 101 -5.80 3.42 5.81
N ILE A 102 -6.13 2.17 6.10
CA ILE A 102 -7.38 1.58 5.61
C ILE A 102 -8.21 1.01 6.76
N ARG A 103 -9.51 1.19 6.65
CA ARG A 103 -10.46 0.56 7.55
C ARG A 103 -11.42 -0.26 6.70
N LYS A 104 -12.03 -1.30 7.25
CA LYS A 104 -13.00 -2.07 6.50
C LYS A 104 -14.21 -1.19 6.18
N ALA A 105 -14.30 -0.81 4.92
CA ALA A 105 -15.35 0.09 4.45
C ALA A 105 -15.14 0.38 2.97
N MET A 1 4.09 14.82 3.37
CA MET A 1 4.14 16.22 2.86
C MET A 1 4.99 16.28 1.60
N GLY A 2 4.43 16.85 0.54
CA GLY A 2 5.17 17.00 -0.69
C GLY A 2 5.50 18.45 -0.96
N ARG A 3 6.34 18.71 -1.96
CA ARG A 3 6.70 20.07 -2.30
C ARG A 3 6.79 20.21 -3.82
N GLN A 4 7.90 19.80 -4.40
CA GLN A 4 8.08 19.87 -5.84
C GLN A 4 7.84 18.50 -6.46
N THR A 5 7.86 17.48 -5.61
CA THR A 5 7.63 16.12 -6.06
C THR A 5 6.15 15.76 -5.92
N ASP A 6 5.70 14.86 -6.79
CA ASP A 6 4.34 14.38 -6.74
C ASP A 6 4.34 12.93 -6.31
N ILE A 7 3.64 12.68 -5.23
CA ILE A 7 3.57 11.36 -4.65
C ILE A 7 2.12 11.00 -4.28
N SER A 8 1.64 9.89 -4.81
CA SER A 8 0.29 9.45 -4.56
C SER A 8 0.30 8.07 -3.90
N VAL A 9 -0.35 7.97 -2.74
CA VAL A 9 -0.49 6.70 -2.03
C VAL A 9 -1.95 6.44 -1.69
N SER A 10 -2.48 5.29 -2.10
CA SER A 10 -3.87 4.95 -1.83
C SER A 10 -4.04 3.44 -1.65
N LEU A 11 -4.98 3.03 -0.82
CA LEU A 11 -5.26 1.62 -0.60
C LEU A 11 -6.42 1.17 -1.48
N LEU A 12 -6.34 -0.08 -1.90
CA LEU A 12 -7.42 -0.73 -2.60
C LEU A 12 -7.94 -1.88 -1.76
N LYS A 13 -9.19 -1.76 -1.32
CA LYS A 13 -9.82 -2.76 -0.48
C LYS A 13 -10.25 -3.96 -1.31
N PRO A 14 -10.34 -5.13 -0.68
CA PRO A 14 -10.84 -6.34 -1.34
C PRO A 14 -12.35 -6.31 -1.50
N PRO A 15 -12.85 -6.35 -2.74
CA PRO A 15 -14.28 -6.36 -3.04
C PRO A 15 -14.93 -7.66 -2.57
N PHE A 16 -16.17 -7.57 -2.10
CA PHE A 16 -16.89 -8.75 -1.64
C PHE A 16 -17.44 -9.51 -2.85
N GLU A 17 -16.56 -10.19 -3.55
CA GLU A 17 -16.92 -10.90 -4.75
C GLU A 17 -17.61 -12.22 -4.42
N GLU A 18 -18.93 -12.23 -4.54
CA GLU A 18 -19.76 -13.40 -4.26
C GLU A 18 -19.72 -13.75 -2.78
N ILE A 19 -20.43 -14.81 -2.42
CA ILE A 19 -20.50 -15.26 -1.03
C ILE A 19 -19.55 -16.45 -0.80
N TRP A 20 -19.20 -17.14 -1.88
CA TRP A 20 -18.32 -18.29 -1.79
C TRP A 20 -16.89 -17.89 -2.16
N THR A 21 -15.97 -18.10 -1.23
CA THR A 21 -14.58 -17.76 -1.46
C THR A 21 -13.66 -18.61 -0.59
N GLN A 22 -12.59 -19.11 -1.18
CA GLN A 22 -11.59 -19.88 -0.46
C GLN A 22 -10.30 -19.07 -0.36
N GLN A 23 -10.42 -17.78 -0.66
CA GLN A 23 -9.29 -16.87 -0.65
C GLN A 23 -9.40 -15.89 0.51
N THR A 24 -8.31 -15.18 0.78
CA THR A 24 -8.26 -14.23 1.87
C THR A 24 -8.55 -12.81 1.39
N ALA A 25 -8.70 -11.91 2.34
CA ALA A 25 -9.10 -10.52 2.12
C ALA A 25 -7.96 -9.64 1.61
N THR A 26 -7.02 -10.22 0.87
CA THR A 26 -5.74 -9.58 0.60
C THR A 26 -5.89 -8.18 -0.01
N ILE A 27 -5.20 -7.24 0.61
CA ILE A 27 -5.35 -5.80 0.34
C ILE A 27 -4.21 -5.29 -0.53
N VAL A 28 -4.44 -4.21 -1.27
CA VAL A 28 -3.40 -3.68 -2.14
C VAL A 28 -3.16 -2.18 -1.89
N CYS A 29 -1.89 -1.79 -1.81
CA CYS A 29 -1.51 -0.38 -1.74
C CYS A 29 -0.82 0.04 -3.02
N GLU A 30 -1.29 1.11 -3.64
CA GLU A 30 -0.71 1.60 -4.87
C GLU A 30 -0.08 2.97 -4.65
N ILE A 31 1.20 3.07 -4.97
CA ILE A 31 1.94 4.32 -4.84
C ILE A 31 2.55 4.76 -6.17
N VAL A 32 2.33 6.01 -6.49
CA VAL A 32 2.85 6.61 -7.71
C VAL A 32 3.91 7.64 -7.36
N TYR A 33 5.08 7.53 -8.01
CA TYR A 33 6.18 8.45 -7.78
C TYR A 33 7.22 8.34 -8.87
N SER A 34 8.05 9.37 -9.00
CA SER A 34 9.09 9.41 -10.02
C SER A 34 10.33 10.10 -9.45
N ASP A 35 11.51 9.77 -10.01
CA ASP A 35 12.76 10.44 -9.64
C ASP A 35 13.32 9.93 -8.33
N LEU A 36 12.74 8.87 -7.80
CA LEU A 36 13.10 8.37 -6.49
C LEU A 36 14.15 7.27 -6.56
N GLU A 37 14.76 7.01 -5.42
CA GLU A 37 15.65 5.87 -5.24
C GLU A 37 14.81 4.66 -4.95
N ASN A 38 15.44 3.48 -4.87
CA ASN A 38 14.70 2.29 -4.58
C ASN A 38 14.00 2.50 -3.26
N ILE A 39 12.70 2.52 -3.40
CA ILE A 39 11.78 2.77 -2.31
C ILE A 39 11.65 1.57 -1.39
N LYS A 40 11.45 1.86 -0.11
CA LYS A 40 11.15 0.85 0.88
C LYS A 40 9.68 0.97 1.27
N VAL A 41 8.95 -0.13 1.11
CA VAL A 41 7.53 -0.13 1.43
C VAL A 41 7.31 -0.62 2.86
N PHE A 42 6.37 0.01 3.56
CA PHE A 42 6.10 -0.35 4.94
C PHE A 42 4.59 -0.46 5.18
N TRP A 43 4.20 -1.48 5.92
CA TRP A 43 2.81 -1.64 6.36
C TRP A 43 2.81 -1.80 7.86
N GLN A 44 1.94 -1.09 8.56
CA GLN A 44 1.88 -1.19 10.00
C GLN A 44 0.46 -1.56 10.43
N VAL A 45 0.35 -2.58 11.28
CA VAL A 45 -0.95 -3.04 11.74
C VAL A 45 -1.04 -2.89 13.24
N ASN A 46 -1.90 -1.97 13.69
CA ASN A 46 -2.12 -1.72 15.11
C ASN A 46 -0.81 -1.32 15.78
N GLY A 47 0.01 -0.55 15.08
CA GLY A 47 1.28 -0.12 15.61
C GLY A 47 2.36 -1.17 15.51
N VAL A 48 1.97 -2.41 15.24
CA VAL A 48 2.91 -3.51 15.13
C VAL A 48 3.26 -3.76 13.66
N GLU A 49 4.54 -3.94 13.39
CA GLU A 49 5.00 -4.26 12.05
C GLU A 49 4.39 -5.58 11.59
N ARG A 50 3.97 -5.63 10.34
CA ARG A 50 3.25 -6.78 9.85
C ARG A 50 4.20 -7.80 9.24
N LYS A 51 4.06 -9.03 9.73
CA LYS A 51 4.83 -10.18 9.28
C LYS A 51 4.65 -10.41 7.78
N LYS A 52 5.58 -11.14 7.17
CA LYS A 52 5.59 -11.43 5.73
C LYS A 52 4.19 -11.74 5.16
N GLY A 53 4.10 -11.66 3.85
CA GLY A 53 2.82 -11.58 3.20
C GLY A 53 2.70 -10.23 2.51
N VAL A 54 3.75 -9.46 2.68
CA VAL A 54 3.89 -8.19 1.99
C VAL A 54 4.55 -8.46 0.63
N GLU A 55 3.94 -8.00 -0.44
CA GLU A 55 4.40 -8.34 -1.77
C GLU A 55 4.69 -7.06 -2.55
N THR A 56 5.95 -6.80 -2.79
CA THR A 56 6.34 -5.66 -3.60
C THR A 56 6.50 -6.11 -5.05
N GLN A 57 5.70 -5.57 -5.95
CA GLN A 57 5.72 -6.02 -7.33
C GLN A 57 6.51 -5.05 -8.19
N ASN A 58 6.76 -5.44 -9.44
CA ASN A 58 7.52 -4.60 -10.36
C ASN A 58 6.71 -3.37 -10.77
N PRO A 59 7.40 -2.25 -10.95
CA PRO A 59 6.77 -0.95 -11.28
C PRO A 59 6.04 -0.94 -12.62
N GLU A 60 5.03 -0.10 -12.70
CA GLU A 60 4.31 0.14 -13.93
C GLU A 60 4.76 1.48 -14.48
N TRP A 61 5.27 1.49 -15.70
CA TRP A 61 5.93 2.66 -16.24
C TRP A 61 5.06 3.42 -17.23
N SER A 62 4.67 4.62 -16.87
CA SER A 62 3.93 5.48 -17.78
C SER A 62 4.78 6.69 -18.15
N GLY A 63 5.38 6.64 -19.34
CA GLY A 63 6.28 7.70 -19.75
C GLY A 63 7.47 7.82 -18.83
N SER A 64 7.51 8.88 -18.04
CA SER A 64 8.56 9.07 -17.06
C SER A 64 8.02 8.92 -15.64
N LYS A 65 6.76 8.52 -15.52
CA LYS A 65 6.13 8.34 -14.23
C LYS A 65 6.14 6.86 -13.84
N SER A 66 6.51 6.58 -12.61
CA SER A 66 6.60 5.21 -12.14
C SER A 66 5.49 4.91 -11.13
N THR A 67 5.07 3.65 -11.09
CA THR A 67 4.05 3.21 -10.16
C THR A 67 4.42 1.88 -9.52
N ILE A 68 4.39 1.86 -8.20
CA ILE A 68 4.72 0.66 -7.45
C ILE A 68 3.47 0.14 -6.75
N VAL A 69 3.25 -1.16 -6.85
CA VAL A 69 2.14 -1.77 -6.15
C VAL A 69 2.64 -2.75 -5.11
N SER A 70 2.15 -2.58 -3.90
CA SER A 70 2.46 -3.49 -2.83
C SER A 70 1.18 -4.21 -2.39
N LYS A 71 1.24 -5.51 -2.31
CA LYS A 71 0.09 -6.31 -1.96
C LYS A 71 0.27 -6.85 -0.55
N LEU A 72 -0.81 -6.96 0.20
CA LEU A 72 -0.73 -7.50 1.54
C LEU A 72 -1.61 -8.72 1.66
N LYS A 73 -0.99 -9.85 1.92
CA LYS A 73 -1.69 -11.07 2.20
C LYS A 73 -2.16 -10.99 3.64
N VAL A 74 -3.47 -10.91 3.81
CA VAL A 74 -4.02 -10.59 5.11
C VAL A 74 -4.91 -11.71 5.60
N MET A 75 -4.99 -11.83 6.90
CA MET A 75 -5.76 -12.89 7.52
C MET A 75 -7.22 -12.50 7.61
N ALA A 76 -8.07 -13.48 7.29
CA ALA A 76 -9.51 -13.30 7.34
C ALA A 76 -9.97 -12.79 8.70
N SER A 77 -9.32 -13.23 9.78
CA SER A 77 -9.66 -12.79 11.13
C SER A 77 -9.26 -11.33 11.35
N GLU A 78 -8.22 -10.88 10.65
CA GLU A 78 -7.76 -9.50 10.81
C GLU A 78 -8.77 -8.56 10.19
N TRP A 79 -9.07 -8.83 8.92
CA TRP A 79 -9.98 -7.97 8.19
C TRP A 79 -11.39 -8.04 8.78
N ASP A 80 -11.81 -9.22 9.19
CA ASP A 80 -13.12 -9.40 9.81
C ASP A 80 -13.21 -8.67 11.15
N SER A 81 -12.05 -8.33 11.71
CA SER A 81 -12.01 -7.63 12.99
C SER A 81 -12.03 -6.12 12.77
N GLY A 82 -11.98 -5.71 11.51
CA GLY A 82 -11.88 -4.29 11.19
C GLY A 82 -10.50 -3.75 11.47
N THR A 83 -9.52 -4.65 11.43
CA THR A 83 -8.14 -4.30 11.72
C THR A 83 -7.61 -3.28 10.72
N GLU A 84 -6.86 -2.32 11.24
CA GLU A 84 -6.42 -1.18 10.45
C GLU A 84 -5.15 -1.49 9.70
N TYR A 85 -4.99 -0.86 8.56
CA TYR A 85 -3.76 -0.96 7.80
C TYR A 85 -3.30 0.40 7.36
N VAL A 86 -2.05 0.69 7.60
CA VAL A 86 -1.46 1.92 7.13
C VAL A 86 -0.30 1.57 6.22
N CYS A 87 -0.29 2.19 5.05
CA CYS A 87 0.73 1.92 4.07
C CYS A 87 1.63 3.14 4.00
N LEU A 88 2.91 2.93 4.27
CA LEU A 88 3.89 4.01 4.26
C LEU A 88 4.91 3.76 3.18
N VAL A 89 5.42 4.83 2.60
CA VAL A 89 6.49 4.78 1.63
C VAL A 89 7.54 5.83 1.96
N GLU A 90 8.77 5.40 2.05
CA GLU A 90 9.87 6.30 2.32
C GLU A 90 10.96 6.13 1.28
N ASP A 91 11.62 7.23 0.94
CA ASP A 91 12.69 7.21 -0.03
C ASP A 91 13.72 8.28 0.31
N SER A 92 14.94 8.06 -0.18
CA SER A 92 16.07 8.91 0.14
C SER A 92 15.90 10.32 -0.43
N GLU A 93 15.05 10.47 -1.45
CA GLU A 93 14.81 11.78 -2.06
C GLU A 93 13.64 12.50 -1.40
N LEU A 94 12.88 11.78 -0.57
CA LEU A 94 11.66 12.33 0.01
C LEU A 94 11.95 13.15 1.25
N PRO A 95 11.15 14.21 1.47
CA PRO A 95 11.28 15.10 2.62
C PRO A 95 10.57 14.55 3.86
N THR A 96 9.52 13.79 3.60
CA THR A 96 8.72 13.16 4.66
C THR A 96 8.19 11.83 4.14
N PRO A 97 7.95 10.85 5.03
CA PRO A 97 7.34 9.60 4.63
C PRO A 97 5.86 9.80 4.33
N VAL A 98 5.34 9.02 3.40
CA VAL A 98 3.95 9.16 3.00
C VAL A 98 3.16 7.98 3.51
N LYS A 99 1.94 8.24 3.96
CA LYS A 99 1.13 7.19 4.55
C LYS A 99 -0.34 7.33 4.17
N ALA A 100 -1.03 6.21 4.17
CA ALA A 100 -2.46 6.17 3.92
C ALA A 100 -3.03 4.94 4.61
N SER A 101 -4.21 5.03 5.14
CA SER A 101 -4.76 3.94 5.92
C SER A 101 -6.08 3.43 5.35
N ILE A 102 -6.32 2.14 5.56
CA ILE A 102 -7.54 1.49 5.12
C ILE A 102 -8.22 0.83 6.32
N ARG A 103 -9.54 0.82 6.31
CA ARG A 103 -10.33 0.22 7.36
C ARG A 103 -11.37 -0.69 6.73
N LYS A 104 -11.95 -1.59 7.50
CA LYS A 104 -12.94 -2.49 6.94
C LYS A 104 -14.28 -1.80 6.82
N ALA A 105 -14.67 -1.51 5.60
CA ALA A 105 -15.97 -0.98 5.32
C ALA A 105 -16.71 -1.96 4.43
N MET A 1 -1.81 18.81 -8.37
CA MET A 1 -0.93 19.68 -7.56
C MET A 1 0.29 18.91 -7.07
N GLY A 2 1.45 19.32 -7.54
CA GLY A 2 2.68 18.65 -7.21
C GLY A 2 3.78 19.07 -8.15
N ARG A 3 4.27 20.29 -7.96
CA ARG A 3 5.28 20.88 -8.83
C ARG A 3 6.55 20.03 -8.88
N GLN A 4 7.15 19.82 -7.71
CA GLN A 4 8.33 18.98 -7.63
C GLN A 4 7.95 17.57 -7.22
N THR A 5 7.21 17.48 -6.14
CA THR A 5 6.82 16.20 -5.59
C THR A 5 5.37 15.93 -5.83
N ASP A 6 5.14 15.22 -6.90
CA ASP A 6 3.85 14.61 -7.11
C ASP A 6 3.97 13.19 -6.63
N ILE A 7 3.27 12.92 -5.59
CA ILE A 7 3.18 11.59 -5.02
C ILE A 7 1.71 11.23 -4.77
N SER A 8 1.27 10.13 -5.35
CA SER A 8 -0.10 9.69 -5.23
C SER A 8 -0.16 8.33 -4.55
N VAL A 9 -0.74 8.29 -3.37
CA VAL A 9 -0.87 7.03 -2.63
C VAL A 9 -2.35 6.65 -2.50
N SER A 10 -2.71 5.52 -3.08
CA SER A 10 -4.09 5.07 -3.03
C SER A 10 -4.14 3.67 -2.43
N LEU A 11 -5.02 3.48 -1.47
CA LEU A 11 -5.20 2.17 -0.87
C LEU A 11 -6.39 1.48 -1.48
N LEU A 12 -6.20 0.25 -1.90
CA LEU A 12 -7.26 -0.52 -2.52
C LEU A 12 -7.64 -1.65 -1.58
N LYS A 13 -8.85 -1.59 -1.06
CA LYS A 13 -9.32 -2.61 -0.14
C LYS A 13 -9.85 -3.81 -0.94
N PRO A 14 -9.68 -5.02 -0.36
CA PRO A 14 -9.96 -6.30 -1.02
C PRO A 14 -11.14 -6.28 -1.99
N PRO A 15 -10.84 -6.25 -3.30
CA PRO A 15 -11.86 -6.29 -4.35
C PRO A 15 -12.35 -7.72 -4.57
N PHE A 16 -13.59 -7.98 -4.18
CA PHE A 16 -14.14 -9.31 -4.29
C PHE A 16 -14.76 -9.54 -5.65
N GLU A 17 -15.22 -8.46 -6.28
CA GLU A 17 -15.93 -8.56 -7.54
C GLU A 17 -15.04 -8.25 -8.74
N GLU A 18 -14.26 -9.24 -9.14
CA GLU A 18 -13.49 -9.17 -10.37
C GLU A 18 -13.10 -10.57 -10.82
N ILE A 19 -12.23 -10.69 -11.82
CA ILE A 19 -11.80 -11.99 -12.31
C ILE A 19 -11.06 -12.77 -11.22
N TRP A 20 -10.33 -12.06 -10.38
CA TRP A 20 -9.61 -12.67 -9.28
C TRP A 20 -10.47 -12.64 -8.02
N THR A 21 -10.87 -13.81 -7.55
CA THR A 21 -11.69 -13.89 -6.36
C THR A 21 -10.81 -13.83 -5.10
N GLN A 22 -11.13 -12.90 -4.23
CA GLN A 22 -10.38 -12.71 -2.99
C GLN A 22 -10.80 -13.72 -1.93
N GLN A 23 -10.15 -14.86 -1.93
CA GLN A 23 -10.37 -15.89 -0.92
C GLN A 23 -9.72 -15.49 0.40
N THR A 24 -8.86 -14.48 0.33
CA THR A 24 -8.24 -13.91 1.51
C THR A 24 -8.59 -12.43 1.61
N ALA A 25 -8.05 -11.80 2.64
CA ALA A 25 -8.33 -10.40 2.93
C ALA A 25 -7.27 -9.49 2.35
N THR A 26 -6.61 -9.96 1.30
CA THR A 26 -5.41 -9.30 0.79
C THR A 26 -5.68 -7.86 0.36
N ILE A 27 -4.89 -6.95 0.92
CA ILE A 27 -5.04 -5.52 0.70
C ILE A 27 -3.95 -5.03 -0.23
N VAL A 28 -4.22 -3.95 -0.93
CA VAL A 28 -3.25 -3.43 -1.89
C VAL A 28 -3.01 -1.93 -1.69
N CYS A 29 -1.74 -1.55 -1.70
CA CYS A 29 -1.33 -0.16 -1.67
C CYS A 29 -0.76 0.21 -3.03
N GLU A 30 -1.46 1.07 -3.72
CA GLU A 30 -1.07 1.51 -5.04
C GLU A 30 -0.41 2.86 -4.92
N ILE A 31 0.87 2.96 -5.25
CA ILE A 31 1.58 4.20 -5.10
C ILE A 31 2.26 4.62 -6.39
N VAL A 32 1.99 5.87 -6.75
CA VAL A 32 2.48 6.45 -7.98
C VAL A 32 3.44 7.59 -7.67
N TYR A 33 4.60 7.57 -8.31
CA TYR A 33 5.62 8.58 -8.09
C TYR A 33 6.61 8.59 -9.24
N SER A 34 7.38 9.65 -9.34
CA SER A 34 8.36 9.79 -10.41
C SER A 34 9.61 10.46 -9.85
N ASP A 35 10.76 10.13 -10.44
CA ASP A 35 12.03 10.79 -10.08
C ASP A 35 12.61 10.23 -8.79
N LEU A 36 12.06 9.13 -8.30
CA LEU A 36 12.44 8.60 -7.00
C LEU A 36 13.45 7.46 -7.09
N GLU A 37 14.04 7.18 -5.95
CA GLU A 37 14.97 6.07 -5.79
C GLU A 37 14.21 4.88 -5.28
N ASN A 38 14.84 3.71 -5.25
CA ASN A 38 14.16 2.51 -4.88
C ASN A 38 13.57 2.70 -3.49
N ILE A 39 12.28 2.69 -3.52
CA ILE A 39 11.44 2.94 -2.37
C ILE A 39 11.48 1.82 -1.33
N LYS A 40 11.44 2.25 -0.08
CA LYS A 40 11.29 1.34 1.06
C LYS A 40 9.85 1.45 1.56
N VAL A 41 9.16 0.33 1.61
CA VAL A 41 7.74 0.33 1.94
C VAL A 41 7.52 -0.25 3.33
N PHE A 42 6.59 0.33 4.07
CA PHE A 42 6.30 -0.14 5.43
C PHE A 42 4.79 -0.30 5.65
N TRP A 43 4.42 -1.31 6.41
CA TRP A 43 3.02 -1.54 6.75
C TRP A 43 2.90 -1.75 8.26
N GLN A 44 1.89 -1.16 8.89
CA GLN A 44 1.70 -1.26 10.33
C GLN A 44 0.30 -1.77 10.66
N VAL A 45 0.23 -2.79 11.52
CA VAL A 45 -1.05 -3.33 11.99
C VAL A 45 -1.12 -3.23 13.51
N ASN A 46 -2.02 -2.40 14.01
CA ASN A 46 -2.19 -2.19 15.46
C ASN A 46 -0.87 -1.75 16.10
N GLY A 47 -0.11 -0.94 15.36
CA GLY A 47 1.16 -0.46 15.87
C GLY A 47 2.28 -1.48 15.73
N VAL A 48 1.90 -2.74 15.49
CA VAL A 48 2.87 -3.81 15.34
C VAL A 48 3.19 -4.04 13.87
N GLU A 49 4.47 -4.17 13.54
CA GLU A 49 4.87 -4.52 12.20
C GLU A 49 4.29 -5.87 11.84
N ARG A 50 3.80 -5.97 10.62
CA ARG A 50 3.07 -7.17 10.21
C ARG A 50 4.01 -8.22 9.62
N LYS A 51 3.58 -9.47 9.69
CA LYS A 51 4.37 -10.58 9.17
C LYS A 51 4.44 -10.53 7.66
N LYS A 52 5.47 -11.14 7.09
CA LYS A 52 5.65 -11.22 5.64
C LYS A 52 4.42 -11.80 4.94
N GLY A 53 4.39 -11.65 3.64
CA GLY A 53 3.17 -11.74 2.87
C GLY A 53 2.91 -10.41 2.22
N VAL A 54 3.91 -9.56 2.37
CA VAL A 54 3.99 -8.30 1.67
C VAL A 54 4.60 -8.56 0.30
N GLU A 55 3.97 -8.08 -0.75
CA GLU A 55 4.42 -8.37 -2.09
C GLU A 55 4.55 -7.08 -2.88
N THR A 56 5.78 -6.69 -3.14
CA THR A 56 6.02 -5.54 -3.99
C THR A 56 6.18 -6.00 -5.42
N GLN A 57 5.36 -5.47 -6.31
CA GLN A 57 5.44 -5.85 -7.70
C GLN A 57 6.42 -4.94 -8.41
N ASN A 58 7.15 -5.52 -9.36
CA ASN A 58 8.20 -4.79 -10.06
C ASN A 58 7.61 -3.56 -10.74
N PRO A 59 8.34 -2.45 -10.64
CA PRO A 59 7.89 -1.14 -11.12
C PRO A 59 7.36 -1.20 -12.54
N GLU A 60 6.22 -0.55 -12.76
CA GLU A 60 5.63 -0.46 -14.07
C GLU A 60 5.52 1.01 -14.43
N TRP A 61 6.08 1.40 -15.55
CA TRP A 61 6.17 2.81 -15.89
C TRP A 61 4.91 3.25 -16.63
N SER A 62 4.09 4.04 -15.96
CA SER A 62 2.86 4.54 -16.53
C SER A 62 3.08 5.95 -17.09
N GLY A 63 3.21 6.05 -18.41
CA GLY A 63 3.44 7.33 -19.04
C GLY A 63 4.79 7.92 -18.67
N SER A 64 4.78 8.97 -17.88
CA SER A 64 6.00 9.59 -17.40
C SER A 64 6.17 9.36 -15.90
N LYS A 65 5.29 8.55 -15.34
CA LYS A 65 5.32 8.29 -13.91
C LYS A 65 5.57 6.81 -13.63
N SER A 66 6.06 6.53 -12.43
CA SER A 66 6.32 5.17 -12.03
C SER A 66 5.20 4.67 -11.14
N THR A 67 4.89 3.38 -11.23
CA THR A 67 3.84 2.80 -10.44
C THR A 67 4.32 1.53 -9.77
N ILE A 68 4.31 1.54 -8.45
CA ILE A 68 4.69 0.39 -7.65
C ILE A 68 3.49 -0.12 -6.89
N VAL A 69 3.28 -1.42 -6.93
CA VAL A 69 2.16 -2.01 -6.23
C VAL A 69 2.64 -2.79 -5.01
N SER A 70 2.14 -2.41 -3.85
CA SER A 70 2.49 -3.08 -2.61
C SER A 70 1.28 -3.86 -2.11
N LYS A 71 1.38 -5.17 -2.16
CA LYS A 71 0.27 -6.03 -1.81
C LYS A 71 0.50 -6.66 -0.45
N LEU A 72 -0.57 -6.84 0.31
CA LEU A 72 -0.48 -7.54 1.59
C LEU A 72 -1.42 -8.72 1.60
N LYS A 73 -0.84 -9.89 1.78
CA LYS A 73 -1.61 -11.09 1.95
C LYS A 73 -1.84 -11.29 3.43
N VAL A 74 -3.08 -11.14 3.86
CA VAL A 74 -3.39 -11.05 5.26
C VAL A 74 -4.58 -11.92 5.62
N MET A 75 -4.73 -12.18 6.91
CA MET A 75 -5.78 -13.05 7.42
C MET A 75 -7.13 -12.34 7.35
N ALA A 76 -8.08 -13.04 6.76
CA ALA A 76 -9.41 -12.51 6.54
C ALA A 76 -10.07 -12.07 7.84
N SER A 77 -9.97 -12.89 8.88
CA SER A 77 -10.52 -12.56 10.20
C SER A 77 -9.90 -11.28 10.76
N GLU A 78 -8.63 -11.03 10.45
CA GLU A 78 -7.98 -9.82 10.92
C GLU A 78 -8.63 -8.62 10.23
N TRP A 79 -8.71 -8.69 8.91
CA TRP A 79 -9.35 -7.64 8.14
C TRP A 79 -10.81 -7.45 8.58
N ASP A 80 -11.51 -8.55 8.77
CA ASP A 80 -12.92 -8.50 9.16
C ASP A 80 -13.07 -8.01 10.61
N SER A 81 -11.96 -7.96 11.32
CA SER A 81 -11.95 -7.49 12.69
C SER A 81 -11.78 -5.97 12.73
N GLY A 82 -11.58 -5.37 11.54
CA GLY A 82 -11.43 -3.93 11.45
C GLY A 82 -10.06 -3.46 11.93
N THR A 83 -9.07 -4.35 11.84
CA THR A 83 -7.73 -4.05 12.31
C THR A 83 -7.09 -2.94 11.46
N GLU A 84 -6.21 -2.17 12.09
CA GLU A 84 -5.56 -1.06 11.42
C GLU A 84 -4.54 -1.55 10.41
N TYR A 85 -4.62 -1.04 9.19
CA TYR A 85 -3.58 -1.28 8.21
C TYR A 85 -3.13 0.04 7.62
N VAL A 86 -1.86 0.36 7.79
CA VAL A 86 -1.32 1.60 7.27
C VAL A 86 -0.18 1.28 6.31
N CYS A 87 -0.17 1.98 5.20
CA CYS A 87 0.87 1.80 4.20
C CYS A 87 1.74 3.05 4.16
N LEU A 88 3.03 2.87 4.30
CA LEU A 88 3.98 3.97 4.26
C LEU A 88 4.95 3.76 3.11
N VAL A 89 5.38 4.86 2.50
CA VAL A 89 6.37 4.85 1.45
C VAL A 89 7.53 5.75 1.84
N GLU A 90 8.74 5.25 1.70
CA GLU A 90 9.92 6.00 2.08
C GLU A 90 10.88 6.11 0.91
N ASP A 91 11.43 7.31 0.73
CA ASP A 91 12.44 7.57 -0.29
C ASP A 91 13.36 8.67 0.20
N SER A 92 14.63 8.56 -0.17
CA SER A 92 15.66 9.47 0.31
C SER A 92 15.41 10.91 -0.13
N GLU A 93 14.57 11.10 -1.15
CA GLU A 93 14.33 12.43 -1.67
C GLU A 93 13.01 13.01 -1.18
N LEU A 94 12.31 12.30 -0.29
CA LEU A 94 11.09 12.85 0.27
C LEU A 94 11.34 13.46 1.65
N PRO A 95 10.57 14.51 1.97
CA PRO A 95 10.70 15.26 3.23
C PRO A 95 10.09 14.54 4.42
N THR A 96 9.00 13.83 4.17
CA THR A 96 8.31 13.07 5.20
C THR A 96 7.76 11.80 4.59
N PRO A 97 7.67 10.71 5.38
CA PRO A 97 7.18 9.42 4.89
C PRO A 97 5.72 9.53 4.45
N VAL A 98 5.38 8.79 3.42
CA VAL A 98 4.04 8.87 2.84
C VAL A 98 3.18 7.78 3.44
N LYS A 99 2.13 8.16 4.15
CA LYS A 99 1.33 7.17 4.85
C LYS A 99 -0.15 7.31 4.52
N ALA A 100 -0.83 6.17 4.56
CA ALA A 100 -2.26 6.11 4.34
C ALA A 100 -2.81 4.85 5.01
N SER A 101 -3.92 4.98 5.71
CA SER A 101 -4.48 3.86 6.45
C SER A 101 -5.81 3.41 5.84
N ILE A 102 -6.13 2.14 6.05
CA ILE A 102 -7.34 1.55 5.50
C ILE A 102 -8.21 0.98 6.62
N ARG A 103 -9.51 1.08 6.43
CA ARG A 103 -10.47 0.49 7.34
C ARG A 103 -11.54 -0.24 6.54
N LYS A 104 -12.09 -1.29 7.10
CA LYS A 104 -13.12 -2.05 6.43
C LYS A 104 -14.50 -1.49 6.79
N ALA A 105 -15.36 -1.37 5.80
CA ALA A 105 -16.72 -0.96 6.04
C ALA A 105 -17.62 -2.20 6.12
#